data_2V7B
#
_entry.id   2V7B
#
_cell.length_a   74.550
_cell.length_b   74.550
_cell.length_c   89.900
_cell.angle_alpha   70.06
_cell.angle_beta   79.95
_cell.angle_gamma   81.11
#
_symmetry.space_group_name_H-M   'P 1'
#
loop_
_entity.id
_entity.type
_entity.pdbx_description
1 polymer 'BENZOATE-COENZYME A LIGASE'
2 non-polymer 'BENZOIC ACID'
3 water water
#
_entity_poly.entity_id   1
_entity_poly.type   'polypeptide(L)'
_entity_poly.pdbx_seq_one_letter_code
;MEALLEKAANPPAATVEAPPALFNFAAYLFRLNETRAGKTAYIDDTGSTTYGELEERARRFASALRTLGVHPEERILLVM
LDTVALPVAFLGALYAGVVPVVANTLLTPADYVYMLTHSHARAVIASGALVQNVTQALESAEHDGCQLIVSQPRESEPRL
APLFEELIDAAAPAAKAAATGCDDIAFWLYSSGSTGKPKGTVHTHANLYWTAELYAKPILGIAENDVVFSAAKLFFAYGL
GNGLTFPLSVGATAILMAERPTADAIFARLVEHRPTVFYGVPTLYANMLVSPNLPARADVAIRICTSAGEALPREIGERF
TAHFGCEILDGIGSTEMLHIFLSNRAGAVEYGTTGRPVPGYEIELRDEAGHAVPDGEVGDLYIKGPSAAVMYWNNREKSR
ATFLGEWIRSGDKYCRLPNGCYVYAGRSDDMLKVSGQYVSPVEVEMVLVQHDAVLEAAVVGVDHGGLVKTRAFVVLKREF
APSEILAEELKAFVKDRLAPHKYPRDIVFVDDLPKTATGKIQRFKLREQ
;
_entity_poly.pdbx_strand_id   A,B
#
# COMPACT_ATOMS: atom_id res chain seq x y z
N LEU A 22 15.64 -12.14 -7.16
CA LEU A 22 15.30 -13.04 -6.00
C LEU A 22 14.00 -13.85 -6.11
N PHE A 23 12.90 -13.30 -6.65
CA PHE A 23 11.72 -14.10 -7.00
C PHE A 23 10.86 -13.44 -8.10
N ASN A 24 10.65 -14.16 -9.19
CA ASN A 24 9.74 -13.78 -10.26
C ASN A 24 8.82 -14.98 -10.52
N PHE A 25 7.51 -14.78 -10.40
CA PHE A 25 6.58 -15.92 -10.53
C PHE A 25 6.67 -16.64 -11.89
N ALA A 26 6.80 -15.89 -13.00
CA ALA A 26 6.93 -16.52 -14.33
C ALA A 26 8.21 -17.37 -14.43
N ALA A 27 9.32 -16.80 -13.99
CA ALA A 27 10.65 -17.47 -14.04
C ALA A 27 10.61 -18.71 -13.12
N TYR A 28 9.92 -18.59 -12.01
CA TYR A 28 9.71 -19.69 -11.07
C TYR A 28 9.00 -20.89 -11.73
N LEU A 29 7.88 -20.61 -12.43
CA LEU A 29 7.13 -21.65 -13.16
C LEU A 29 7.96 -22.27 -14.27
N PHE A 30 8.73 -21.44 -14.97
CA PHE A 30 9.51 -21.90 -16.12
C PHE A 30 10.52 -22.94 -15.63
N ARG A 31 11.20 -22.63 -14.52
CA ARG A 31 12.13 -23.55 -13.83
C ARG A 31 11.43 -24.79 -13.31
N LEU A 32 10.27 -24.61 -12.67
CA LEU A 32 9.51 -25.76 -12.16
C LEU A 32 9.21 -26.78 -13.26
N ASN A 33 8.95 -26.29 -14.47
CA ASN A 33 8.48 -27.14 -15.54
C ASN A 33 9.54 -27.46 -16.60
N GLU A 34 10.81 -27.19 -16.29
CA GLU A 34 11.94 -27.44 -17.22
C GLU A 34 12.01 -28.93 -17.67
N THR A 35 11.71 -29.84 -16.74
CA THR A 35 11.77 -31.29 -17.02
C THR A 35 10.59 -31.83 -17.84
N ARG A 36 9.55 -31.03 -18.06
CA ARG A 36 8.40 -31.48 -18.85
C ARG A 36 8.16 -30.59 -20.07
N ALA A 37 9.24 -30.14 -20.71
CA ALA A 37 9.14 -29.27 -21.88
C ALA A 37 8.14 -29.77 -22.95
N GLY A 38 8.10 -31.09 -23.16
CA GLY A 38 7.24 -31.66 -24.18
C GLY A 38 5.78 -31.93 -23.81
N LYS A 39 5.43 -31.86 -22.52
CA LYS A 39 4.06 -32.07 -22.03
C LYS A 39 3.17 -30.89 -22.41
N THR A 40 1.95 -31.19 -22.87
CA THR A 40 0.96 -30.15 -23.15
C THR A 40 0.64 -29.37 -21.86
N ALA A 41 0.84 -28.05 -21.93
CA ALA A 41 0.42 -27.14 -20.86
C ALA A 41 -1.02 -26.63 -21.08
N TYR A 42 -1.31 -26.22 -22.32
CA TYR A 42 -2.59 -25.63 -22.68
C TYR A 42 -3.25 -26.31 -23.87
N ILE A 43 -4.55 -26.57 -23.76
CA ILE A 43 -5.40 -26.89 -24.90
C ILE A 43 -6.47 -25.80 -24.97
N ASP A 44 -6.61 -25.23 -26.15
CA ASP A 44 -7.64 -24.22 -26.35
C ASP A 44 -8.41 -24.46 -27.63
N ASP A 45 -9.19 -23.48 -28.06
CA ASP A 45 -10.01 -23.69 -29.26
C ASP A 45 -9.25 -23.89 -30.58
N THR A 46 -7.98 -23.53 -30.65
CA THR A 46 -7.25 -23.73 -31.91
C THR A 46 -6.15 -24.79 -31.88
N GLY A 47 -5.78 -25.27 -30.69
CA GLY A 47 -4.74 -26.29 -30.61
C GLY A 47 -4.13 -26.49 -29.25
N SER A 48 -2.96 -27.15 -29.22
CA SER A 48 -2.25 -27.49 -28.01
C SER A 48 -0.92 -26.77 -27.94
N THR A 49 -0.48 -26.43 -26.73
CA THR A 49 0.80 -25.76 -26.51
C THR A 49 1.54 -26.44 -25.40
N THR A 50 2.81 -26.78 -25.63
CA THR A 50 3.59 -27.50 -24.63
C THR A 50 4.16 -26.51 -23.61
N TYR A 51 4.57 -27.03 -22.45
CA TYR A 51 5.37 -26.27 -21.50
C TYR A 51 6.59 -25.57 -22.10
N GLY A 52 7.31 -26.26 -22.99
CA GLY A 52 8.45 -25.68 -23.73
C GLY A 52 8.02 -24.48 -24.56
N GLU A 53 6.93 -24.63 -25.32
CA GLU A 53 6.46 -23.57 -26.18
C GLU A 53 5.95 -22.38 -25.33
N LEU A 54 5.28 -22.69 -24.22
CA LEU A 54 4.72 -21.66 -23.30
C LEU A 54 5.84 -20.77 -22.81
N GLU A 55 6.94 -21.39 -22.34
CA GLU A 55 8.09 -20.62 -21.89
C GLU A 55 8.72 -19.81 -23.01
N GLU A 56 8.98 -20.45 -24.15
CA GLU A 56 9.57 -19.77 -25.32
C GLU A 56 8.76 -18.52 -25.72
N ARG A 57 7.45 -18.70 -25.95
CA ARG A 57 6.60 -17.63 -26.46
C ARG A 57 6.45 -16.52 -25.43
N ALA A 58 6.34 -16.91 -24.16
CA ALA A 58 6.29 -15.90 -23.06
C ALA A 58 7.57 -15.05 -22.99
N ARG A 59 8.73 -15.71 -22.99
CA ARG A 59 10.00 -15.00 -22.86
C ARG A 59 10.23 -14.14 -24.13
N ARG A 60 9.80 -14.62 -25.30
CA ARG A 60 9.83 -13.79 -26.50
C ARG A 60 8.94 -12.55 -26.37
N PHE A 61 7.74 -12.71 -25.79
CA PHE A 61 6.88 -11.57 -25.52
C PHE A 61 7.53 -10.56 -24.51
N ALA A 62 8.29 -11.06 -23.53
CA ALA A 62 9.05 -10.19 -22.61
C ALA A 62 9.99 -9.26 -23.41
N SER A 63 10.72 -9.83 -24.35
CA SER A 63 11.53 -9.08 -25.36
C SER A 63 10.74 -8.10 -26.23
N ALA A 64 9.59 -8.53 -26.77
CA ALA A 64 8.74 -7.67 -27.58
C ALA A 64 8.30 -6.42 -26.80
N LEU A 65 8.00 -6.58 -25.50
CA LEU A 65 7.62 -5.46 -24.63
C LEU A 65 8.74 -4.47 -24.47
N ARG A 66 9.95 -4.99 -24.20
CA ARG A 66 11.14 -4.12 -24.11
C ARG A 66 11.32 -3.35 -25.42
N THR A 67 11.23 -4.06 -26.55
CA THR A 67 11.37 -3.47 -27.89
C THR A 67 10.28 -2.41 -28.12
N LEU A 68 9.08 -2.65 -27.59
CA LEU A 68 8.03 -1.62 -27.72
C LEU A 68 8.24 -0.41 -26.79
N GLY A 69 9.28 -0.41 -25.97
CA GLY A 69 9.58 0.68 -25.00
C GLY A 69 8.86 0.60 -23.65
N VAL A 70 8.21 -0.54 -23.37
CA VAL A 70 7.45 -0.64 -22.11
C VAL A 70 8.42 -1.08 -21.02
N HIS A 71 8.64 -0.21 -20.02
CA HIS A 71 9.59 -0.49 -18.95
C HIS A 71 9.00 -1.41 -17.88
N PRO A 72 9.87 -2.08 -17.09
CA PRO A 72 9.43 -2.68 -15.82
C PRO A 72 8.59 -1.71 -14.98
N GLU A 73 7.61 -2.28 -14.27
CA GLU A 73 6.60 -1.57 -13.46
C GLU A 73 5.53 -0.77 -14.16
N GLU A 74 5.69 -0.54 -15.47
CA GLU A 74 4.62 0.06 -16.25
C GLU A 74 3.54 -1.00 -16.53
N ARG A 75 2.32 -0.55 -16.69
CA ARG A 75 1.18 -1.46 -16.83
C ARG A 75 0.87 -1.69 -18.35
N ILE A 76 0.45 -2.91 -18.67
CA ILE A 76 -0.27 -3.19 -19.93
C ILE A 76 -1.67 -3.70 -19.58
N LEU A 77 -2.65 -3.38 -20.42
CA LEU A 77 -4.04 -3.81 -20.21
C LEU A 77 -4.32 -5.00 -21.08
N LEU A 78 -4.73 -6.10 -20.47
CA LEU A 78 -5.16 -7.26 -21.25
C LEU A 78 -6.67 -7.32 -21.37
N VAL A 79 -7.15 -7.23 -22.61
CA VAL A 79 -8.57 -7.46 -22.92
C VAL A 79 -8.64 -8.63 -23.87
N MET A 80 -8.48 -9.82 -23.33
CA MET A 80 -8.23 -11.00 -24.10
C MET A 80 -9.16 -12.13 -23.67
N LEU A 81 -9.71 -12.83 -24.67
CA LEU A 81 -10.43 -14.08 -24.45
C LEU A 81 -9.54 -15.22 -23.89
N ASP A 82 -10.18 -16.28 -23.43
CA ASP A 82 -9.49 -17.42 -22.84
C ASP A 82 -8.95 -18.25 -24.00
N THR A 83 -7.71 -17.93 -24.37
CA THR A 83 -6.88 -18.66 -25.34
C THR A 83 -5.46 -18.72 -24.81
N VAL A 84 -4.59 -19.58 -25.37
CA VAL A 84 -3.19 -19.67 -24.87
C VAL A 84 -2.41 -18.31 -24.95
N ALA A 85 -2.87 -17.42 -25.83
CA ALA A 85 -2.35 -16.05 -25.91
C ALA A 85 -2.37 -15.28 -24.58
N LEU A 86 -3.42 -15.49 -23.78
CA LEU A 86 -3.53 -14.79 -22.51
C LEU A 86 -2.46 -15.23 -21.49
N PRO A 87 -2.35 -16.55 -21.16
CA PRO A 87 -1.21 -16.93 -20.33
C PRO A 87 0.17 -16.54 -20.93
N VAL A 88 0.33 -16.57 -22.26
CA VAL A 88 1.59 -16.07 -22.90
C VAL A 88 1.82 -14.57 -22.55
N ALA A 89 0.81 -13.73 -22.79
CA ALA A 89 0.87 -12.29 -22.43
C ALA A 89 1.14 -12.04 -20.96
N PHE A 90 0.42 -12.74 -20.08
CA PHE A 90 0.51 -12.51 -18.62
C PHE A 90 1.92 -12.88 -18.08
N LEU A 91 2.36 -14.10 -18.42
CA LEU A 91 3.64 -14.63 -18.02
C LEU A 91 4.79 -13.91 -18.72
N GLY A 92 4.61 -13.56 -20.00
CA GLY A 92 5.63 -12.73 -20.69
C GLY A 92 5.80 -11.34 -20.04
N ALA A 93 4.69 -10.72 -19.64
CA ALA A 93 4.72 -9.45 -18.85
C ALA A 93 5.43 -9.63 -17.49
N LEU A 94 5.03 -10.63 -16.70
CA LEU A 94 5.71 -10.91 -15.43
C LEU A 94 7.23 -11.12 -15.58
N TYR A 95 7.65 -11.92 -16.56
CA TYR A 95 9.07 -12.16 -16.82
C TYR A 95 9.83 -10.84 -17.13
N ALA A 96 9.21 -9.96 -17.91
CA ALA A 96 9.71 -8.58 -18.18
C ALA A 96 9.63 -7.61 -16.99
N GLY A 97 8.89 -7.99 -15.94
CA GLY A 97 8.62 -7.05 -14.84
C GLY A 97 7.57 -6.01 -15.22
N VAL A 98 6.88 -6.23 -16.34
CA VAL A 98 5.79 -5.35 -16.80
C VAL A 98 4.54 -5.89 -16.12
N VAL A 99 3.66 -4.97 -15.75
CA VAL A 99 2.51 -5.31 -14.85
C VAL A 99 1.25 -5.45 -15.73
N PRO A 100 0.82 -6.70 -16.02
CA PRO A 100 -0.43 -6.84 -16.80
C PRO A 100 -1.65 -6.55 -15.91
N VAL A 101 -2.66 -5.91 -16.49
CA VAL A 101 -3.92 -5.63 -15.83
C VAL A 101 -4.93 -6.43 -16.62
N VAL A 102 -5.46 -7.50 -16.02
CA VAL A 102 -6.29 -8.44 -16.76
C VAL A 102 -7.76 -8.05 -16.65
N ALA A 103 -8.33 -7.63 -17.77
CA ALA A 103 -9.70 -7.07 -17.84
C ALA A 103 -10.83 -7.99 -18.30
N ASN A 104 -11.99 -7.81 -17.68
CA ASN A 104 -13.30 -8.31 -18.24
C ASN A 104 -13.47 -7.96 -19.75
N THR A 105 -13.75 -8.98 -20.56
CA THR A 105 -13.88 -8.87 -22.02
C THR A 105 -15.28 -8.43 -22.51
N LEU A 106 -16.24 -8.32 -21.59
CA LEU A 106 -17.63 -7.98 -21.92
C LEU A 106 -18.04 -6.59 -21.42
N LEU A 107 -17.08 -5.67 -21.37
CA LEU A 107 -17.32 -4.30 -20.93
C LEU A 107 -17.53 -3.35 -22.11
N THR A 108 -17.89 -2.11 -21.80
CA THR A 108 -18.23 -1.12 -22.81
C THR A 108 -17.02 -0.27 -23.13
N PRO A 109 -17.02 0.41 -24.28
CA PRO A 109 -15.92 1.32 -24.55
C PRO A 109 -15.63 2.30 -23.39
N ALA A 110 -16.66 2.84 -22.75
CA ALA A 110 -16.47 3.77 -21.64
C ALA A 110 -15.80 3.12 -20.42
N ASP A 111 -16.14 1.88 -20.16
CA ASP A 111 -15.46 1.08 -19.14
C ASP A 111 -13.96 0.98 -19.43
N TYR A 112 -13.60 0.66 -20.68
CA TYR A 112 -12.20 0.54 -21.08
C TYR A 112 -11.46 1.88 -21.06
N VAL A 113 -12.15 2.97 -21.41
CA VAL A 113 -11.60 4.33 -21.26
C VAL A 113 -11.08 4.52 -19.83
N TYR A 114 -11.93 4.22 -18.85
CA TYR A 114 -11.57 4.35 -17.46
C TYR A 114 -10.35 3.50 -17.10
N MET A 115 -10.34 2.22 -17.51
CA MET A 115 -9.18 1.34 -17.23
C MET A 115 -7.90 1.79 -17.90
N LEU A 116 -7.97 2.18 -19.16
CA LEU A 116 -6.80 2.74 -19.84
C LEU A 116 -6.23 3.95 -19.10
N THR A 117 -7.10 4.88 -18.72
CA THR A 117 -6.65 6.12 -18.07
C THR A 117 -6.12 5.89 -16.62
N HIS A 118 -6.93 5.20 -15.81
CA HIS A 118 -6.57 4.82 -14.46
C HIS A 118 -5.28 3.95 -14.33
N SER A 119 -5.11 2.98 -15.24
CA SER A 119 -3.90 2.14 -15.23
C SER A 119 -2.67 2.80 -15.85
N HIS A 120 -2.88 3.86 -16.63
CA HIS A 120 -1.79 4.50 -17.42
C HIS A 120 -1.15 3.44 -18.35
N ALA A 121 -1.93 2.43 -18.76
CA ALA A 121 -1.43 1.36 -19.64
C ALA A 121 -0.59 1.93 -20.78
N ARG A 122 0.56 1.30 -21.02
CA ARG A 122 1.46 1.68 -22.12
C ARG A 122 1.10 0.96 -23.42
N ALA A 123 0.40 -0.18 -23.28
CA ALA A 123 -0.08 -0.98 -24.42
C ALA A 123 -1.34 -1.67 -23.97
N VAL A 124 -2.25 -2.00 -24.90
CA VAL A 124 -3.40 -2.86 -24.60
C VAL A 124 -3.38 -3.95 -25.66
N ILE A 125 -3.47 -5.19 -25.19
CA ILE A 125 -3.54 -6.35 -26.04
C ILE A 125 -5.01 -6.76 -26.04
N ALA A 126 -5.59 -6.82 -27.23
CA ALA A 126 -7.00 -7.06 -27.39
C ALA A 126 -7.20 -8.21 -28.39
N SER A 127 -8.04 -9.16 -28.01
CA SER A 127 -8.57 -10.16 -28.93
C SER A 127 -9.34 -9.47 -30.06
N GLY A 128 -9.24 -10.06 -31.24
CA GLY A 128 -9.81 -9.59 -32.47
C GLY A 128 -11.25 -9.17 -32.32
N ALA A 129 -12.05 -9.98 -31.62
CA ALA A 129 -13.47 -9.66 -31.36
C ALA A 129 -13.69 -8.40 -30.51
N LEU A 130 -12.71 -8.07 -29.65
CA LEU A 130 -12.78 -6.85 -28.81
C LEU A 130 -12.10 -5.60 -29.39
N VAL A 131 -11.50 -5.74 -30.57
CA VAL A 131 -10.75 -4.62 -31.17
C VAL A 131 -11.60 -3.33 -31.33
N GLN A 132 -12.85 -3.47 -31.75
CA GLN A 132 -13.74 -2.29 -31.93
C GLN A 132 -14.00 -1.49 -30.63
N ASN A 133 -14.33 -2.18 -29.55
CA ASN A 133 -14.55 -1.51 -28.26
C ASN A 133 -13.28 -0.84 -27.73
N VAL A 134 -12.15 -1.56 -27.84
CA VAL A 134 -10.88 -1.07 -27.31
C VAL A 134 -10.35 0.11 -28.18
N THR A 135 -10.53 0.01 -29.50
CA THR A 135 -10.12 1.09 -30.42
C THR A 135 -10.90 2.39 -30.11
N GLN A 136 -12.22 2.25 -29.96
CA GLN A 136 -13.08 3.34 -29.56
C GLN A 136 -12.66 3.95 -28.23
N ALA A 137 -12.30 3.09 -27.27
CA ALA A 137 -11.83 3.56 -25.96
C ALA A 137 -10.53 4.37 -26.09
N LEU A 138 -9.61 3.89 -26.92
CA LEU A 138 -8.33 4.56 -27.14
C LEU A 138 -8.46 5.94 -27.81
N GLU A 139 -9.46 6.08 -28.66
CA GLU A 139 -9.78 7.34 -29.37
C GLU A 139 -10.33 8.42 -28.45
N SER A 140 -10.93 8.03 -27.31
CA SER A 140 -11.22 8.98 -26.22
C SER A 140 -10.06 8.97 -25.20
N ALA A 141 -9.03 9.81 -25.41
CA ALA A 141 -7.86 9.85 -24.52
C ALA A 141 -7.19 11.23 -24.47
N GLY A 145 -0.28 7.86 -25.70
CA GLY A 145 0.73 7.01 -26.33
C GLY A 145 0.57 5.51 -26.07
N CYS A 146 -0.59 5.10 -25.54
CA CYS A 146 -0.90 3.67 -25.39
C CYS A 146 -0.98 3.00 -26.77
N GLN A 147 -0.21 1.94 -26.95
CA GLN A 147 -0.23 1.21 -28.23
C GLN A 147 -1.19 0.02 -28.21
N LEU A 148 -1.85 -0.20 -29.32
CA LEU A 148 -2.79 -1.31 -29.48
C LEU A 148 -2.01 -2.43 -30.13
N ILE A 149 -2.16 -3.63 -29.55
CA ILE A 149 -1.63 -4.88 -30.09
C ILE A 149 -2.83 -5.85 -30.21
N VAL A 150 -2.91 -6.54 -31.35
CA VAL A 150 -4.07 -7.37 -31.64
C VAL A 150 -3.72 -8.85 -31.61
N SER A 151 -4.48 -9.59 -30.81
CA SER A 151 -4.32 -11.04 -30.71
C SER A 151 -5.42 -11.71 -31.52
N GLN A 152 -5.02 -12.61 -32.41
CA GLN A 152 -5.97 -13.40 -33.16
C GLN A 152 -6.03 -14.83 -32.55
N PRO A 153 -7.10 -15.09 -31.77
CA PRO A 153 -7.35 -16.23 -30.89
C PRO A 153 -7.50 -17.58 -31.62
N LEU A 160 -3.65 -0.18 -39.37
CA LEU A 160 -3.53 -1.57 -38.92
C LEU A 160 -2.52 -1.72 -37.77
N ALA A 161 -2.98 -2.33 -36.67
CA ALA A 161 -2.17 -2.46 -35.47
C ALA A 161 -1.18 -3.60 -35.60
N PRO A 162 -0.09 -3.56 -34.80
CA PRO A 162 0.83 -4.68 -34.69
C PRO A 162 0.09 -5.91 -34.17
N LEU A 163 0.50 -7.08 -34.66
CA LEU A 163 -0.08 -8.34 -34.23
C LEU A 163 0.79 -9.01 -33.17
N PHE A 164 0.14 -9.36 -32.05
CA PHE A 164 0.73 -10.08 -30.92
C PHE A 164 1.63 -11.24 -31.39
N GLU A 165 1.06 -12.12 -32.22
CA GLU A 165 1.84 -13.28 -32.66
C GLU A 165 3.07 -12.87 -33.47
N GLU A 166 2.93 -11.87 -34.33
CA GLU A 166 4.04 -11.38 -35.18
C GLU A 166 5.18 -10.75 -34.39
N LEU A 167 4.83 -9.98 -33.35
CA LEU A 167 5.81 -9.38 -32.43
C LEU A 167 6.63 -10.41 -31.68
N ILE A 168 5.97 -11.52 -31.28
CA ILE A 168 6.61 -12.61 -30.60
C ILE A 168 7.54 -13.44 -31.53
N ASP A 169 7.05 -13.74 -32.74
CA ASP A 169 7.85 -14.38 -33.81
C ASP A 169 9.15 -13.60 -34.08
N ALA A 170 9.06 -12.27 -34.10
CA ALA A 170 10.19 -11.43 -34.48
C ALA A 170 11.20 -11.29 -33.34
N ALA A 171 10.82 -11.72 -32.12
CA ALA A 171 11.66 -11.53 -30.95
C ALA A 171 12.48 -12.75 -30.59
N ALA A 172 13.66 -12.52 -29.99
CA ALA A 172 14.39 -13.55 -29.28
C ALA A 172 13.88 -13.66 -27.83
N PRO A 173 13.93 -14.88 -27.24
CA PRO A 173 13.51 -15.05 -25.83
C PRO A 173 14.40 -14.25 -24.88
N ALA A 174 13.77 -13.47 -24.00
CA ALA A 174 14.51 -12.57 -23.08
C ALA A 174 15.44 -13.44 -22.24
N ALA A 175 16.66 -12.96 -22.03
CA ALA A 175 17.73 -13.79 -21.43
C ALA A 175 17.60 -14.02 -19.95
N LYS A 176 16.98 -13.04 -19.28
CA LYS A 176 16.87 -13.04 -17.84
C LYS A 176 15.57 -12.33 -17.41
N ALA A 177 14.96 -12.82 -16.34
CA ALA A 177 13.77 -12.17 -15.79
C ALA A 177 14.15 -10.84 -15.14
N ALA A 178 13.21 -9.89 -15.12
CA ALA A 178 13.39 -8.67 -14.30
C ALA A 178 13.77 -9.03 -12.86
N ALA A 179 14.51 -8.14 -12.19
CA ALA A 179 15.04 -8.38 -10.86
C ALA A 179 13.99 -8.09 -9.75
N THR A 180 12.91 -8.86 -9.79
CA THR A 180 11.79 -8.68 -8.87
C THR A 180 12.01 -9.51 -7.62
N GLY A 181 11.31 -9.15 -6.55
CA GLY A 181 11.24 -9.99 -5.39
C GLY A 181 9.82 -10.44 -5.06
N CYS A 182 9.71 -11.29 -4.03
CA CYS A 182 8.41 -11.86 -3.60
C CYS A 182 7.38 -10.76 -3.43
N ASP A 183 7.80 -9.65 -2.81
CA ASP A 183 6.88 -8.56 -2.46
C ASP A 183 6.71 -7.48 -3.53
N ASP A 184 7.39 -7.62 -4.67
CA ASP A 184 7.16 -6.70 -5.78
C ASP A 184 5.78 -6.87 -6.44
N ILE A 185 5.21 -5.72 -6.83
CA ILE A 185 3.97 -5.68 -7.57
C ILE A 185 4.13 -6.47 -8.88
N ALA A 186 3.20 -7.39 -9.12
CA ALA A 186 3.31 -8.26 -10.29
C ALA A 186 2.18 -8.01 -11.33
N PHE A 187 0.96 -7.74 -10.86
CA PHE A 187 -0.21 -7.57 -11.77
C PHE A 187 -1.36 -6.88 -11.00
N TRP A 188 -2.37 -6.46 -11.75
CA TRP A 188 -3.62 -6.00 -11.13
C TRP A 188 -4.82 -6.75 -11.71
N LEU A 189 -5.87 -6.84 -10.89
CA LEU A 189 -7.24 -7.16 -11.35
C LEU A 189 -8.16 -6.05 -10.88
N TYR A 190 -9.20 -5.76 -11.67
CA TYR A 190 -10.18 -4.73 -11.24
C TYR A 190 -11.28 -5.35 -10.38
N SER A 191 -11.58 -4.66 -9.27
CA SER A 191 -12.53 -5.09 -8.25
C SER A 191 -13.77 -4.23 -8.34
N LYS A 197 -16.56 3.43 -9.49
CA LYS A 197 -15.54 3.01 -10.47
C LYS A 197 -14.81 1.74 -9.98
N PRO A 198 -14.40 0.86 -10.91
CA PRO A 198 -13.69 -0.36 -10.50
C PRO A 198 -12.39 0.01 -9.81
N LYS A 199 -11.96 -0.80 -8.84
CA LYS A 199 -10.73 -0.54 -8.08
C LYS A 199 -9.60 -1.45 -8.59
N GLY A 200 -8.46 -0.81 -8.94
CA GLY A 200 -7.27 -1.50 -9.36
C GLY A 200 -6.63 -2.24 -8.20
N THR A 201 -6.80 -3.56 -8.16
CA THR A 201 -6.37 -4.36 -7.01
C THR A 201 -4.97 -4.89 -7.25
N VAL A 202 -4.01 -4.43 -6.43
CA VAL A 202 -2.59 -4.62 -6.78
C VAL A 202 -1.98 -5.88 -6.13
N HIS A 203 -1.50 -6.83 -6.94
CA HIS A 203 -0.99 -8.10 -6.38
C HIS A 203 0.49 -8.29 -6.60
N THR A 204 1.13 -9.02 -5.68
CA THR A 204 2.54 -9.35 -5.73
C THR A 204 2.81 -10.70 -6.40
N HIS A 205 4.10 -10.94 -6.69
CA HIS A 205 4.58 -12.27 -7.12
C HIS A 205 4.26 -13.37 -6.09
N ALA A 206 4.55 -13.11 -4.83
CA ALA A 206 4.30 -14.08 -3.78
C ALA A 206 2.83 -14.45 -3.63
N ASN A 207 1.91 -13.49 -3.92
CA ASN A 207 0.47 -13.74 -3.76
C ASN A 207 0.02 -14.90 -4.65
N LEU A 208 0.55 -14.99 -5.87
CA LEU A 208 0.24 -16.13 -6.77
C LEU A 208 0.70 -17.43 -6.13
N TYR A 209 1.97 -17.47 -5.73
CA TYR A 209 2.59 -18.64 -5.10
C TYR A 209 1.74 -19.10 -3.91
N TRP A 210 1.38 -18.19 -2.99
CA TRP A 210 0.56 -18.60 -1.85
C TRP A 210 -0.78 -19.24 -2.20
N THR A 211 -1.43 -18.79 -3.26
CA THR A 211 -2.71 -19.41 -3.61
C THR A 211 -2.57 -20.87 -4.05
N ALA A 212 -1.57 -21.16 -4.89
CA ALA A 212 -1.28 -22.54 -5.28
C ALA A 212 -0.88 -23.42 -4.03
N GLU A 213 -0.07 -22.83 -3.14
CA GLU A 213 0.47 -23.54 -1.98
C GLU A 213 -0.54 -23.83 -0.89
N LEU A 214 -1.44 -22.89 -0.63
CA LEU A 214 -2.37 -23.03 0.48
C LEU A 214 -3.73 -23.62 0.06
N TYR A 215 -4.21 -23.21 -1.09
CA TYR A 215 -5.50 -23.67 -1.56
C TYR A 215 -5.41 -24.82 -2.58
N ALA A 216 -4.70 -24.62 -3.69
CA ALA A 216 -4.79 -25.58 -4.83
C ALA A 216 -4.22 -26.96 -4.51
N LYS A 217 -3.02 -26.99 -3.92
CA LYS A 217 -2.43 -28.27 -3.52
C LYS A 217 -3.17 -28.93 -2.33
N PRO A 218 -3.31 -28.24 -1.17
CA PRO A 218 -3.92 -28.92 -0.02
C PRO A 218 -5.41 -29.23 -0.10
N ILE A 219 -6.19 -28.34 -0.73
CA ILE A 219 -7.63 -28.43 -0.65
C ILE A 219 -8.18 -29.07 -1.89
N LEU A 220 -7.69 -28.59 -3.01
CA LEU A 220 -8.19 -29.04 -4.27
C LEU A 220 -7.46 -30.33 -4.62
N GLY A 221 -6.25 -30.51 -4.10
CA GLY A 221 -5.42 -31.67 -4.46
C GLY A 221 -4.90 -31.71 -5.88
N ILE A 222 -4.72 -30.56 -6.50
CA ILE A 222 -4.25 -30.51 -7.89
C ILE A 222 -2.85 -31.15 -8.09
N ALA A 223 -2.76 -31.98 -9.12
CA ALA A 223 -1.58 -32.84 -9.30
C ALA A 223 -1.11 -32.78 -10.74
N GLU A 224 0.14 -33.18 -10.99
CA GLU A 224 0.74 -33.18 -12.34
C GLU A 224 -0.12 -33.86 -13.38
N ASN A 225 -0.79 -34.93 -12.97
CA ASN A 225 -1.49 -35.75 -13.95
C ASN A 225 -2.91 -35.28 -14.25
N ASP A 226 -3.32 -34.19 -13.61
CA ASP A 226 -4.64 -33.61 -13.84
C ASP A 226 -4.75 -32.85 -15.16
N VAL A 227 -5.98 -32.81 -15.67
CA VAL A 227 -6.36 -31.97 -16.83
C VAL A 227 -7.52 -31.10 -16.29
N VAL A 228 -7.34 -29.78 -16.27
CA VAL A 228 -8.27 -28.94 -15.53
C VAL A 228 -9.02 -28.04 -16.51
N PHE A 229 -10.23 -27.64 -16.15
CA PHE A 229 -11.05 -26.80 -17.02
C PHE A 229 -11.87 -25.84 -16.18
N SER A 230 -11.53 -24.55 -16.27
CA SER A 230 -12.30 -23.55 -15.54
C SER A 230 -13.32 -22.88 -16.50
N ALA A 231 -14.59 -22.98 -16.20
CA ALA A 231 -15.60 -22.08 -16.84
C ALA A 231 -15.32 -20.60 -16.50
N ALA A 232 -14.80 -20.34 -15.29
CA ALA A 232 -14.41 -18.97 -14.93
C ALA A 232 -13.16 -18.53 -15.75
N LYS A 233 -13.27 -17.34 -16.35
CA LYS A 233 -12.25 -16.77 -17.24
C LYS A 233 -11.00 -16.31 -16.50
N LEU A 234 -9.90 -16.23 -17.25
CA LEU A 234 -8.61 -15.88 -16.65
C LEU A 234 -8.59 -14.43 -16.11
N PHE A 235 -9.48 -13.58 -16.61
CA PHE A 235 -9.55 -12.21 -16.06
C PHE A 235 -10.20 -12.08 -14.68
N PHE A 236 -10.96 -13.11 -14.27
CA PHE A 236 -11.58 -13.20 -12.94
C PHE A 236 -10.51 -13.86 -12.08
N ALA A 237 -10.26 -13.28 -10.90
CA ALA A 237 -9.27 -13.82 -9.97
C ALA A 237 -9.48 -15.33 -9.83
N TYR A 238 -10.71 -15.73 -9.56
CA TYR A 238 -11.05 -17.17 -9.47
C TYR A 238 -10.48 -17.98 -10.64
N GLY A 239 -10.90 -17.63 -11.86
CA GLY A 239 -10.35 -18.24 -13.11
C GLY A 239 -8.85 -18.11 -13.31
N LEU A 240 -8.27 -16.97 -12.93
CA LEU A 240 -6.80 -16.83 -13.04
C LEU A 240 -6.02 -17.95 -12.29
N GLY A 241 -6.43 -18.26 -11.08
CA GLY A 241 -5.80 -19.32 -10.29
C GLY A 241 -6.13 -20.66 -10.97
N ASN A 242 -7.40 -20.86 -11.27
CA ASN A 242 -7.93 -22.15 -11.75
C ASN A 242 -7.23 -22.62 -13.04
N GLY A 243 -7.06 -21.69 -13.99
CA GLY A 243 -6.60 -22.03 -15.33
C GLY A 243 -5.20 -21.58 -15.64
N LEU A 244 -4.53 -20.93 -14.67
CA LEU A 244 -3.14 -20.56 -14.85
C LEU A 244 -2.30 -20.91 -13.61
N THR A 245 -2.53 -20.20 -12.49
CA THR A 245 -1.66 -20.34 -11.32
C THR A 245 -1.54 -21.81 -10.96
N PHE A 246 -2.67 -22.49 -10.87
CA PHE A 246 -2.72 -23.80 -10.26
C PHE A 246 -2.13 -24.88 -11.17
N PRO A 247 -2.67 -25.06 -12.40
CA PRO A 247 -2.11 -26.17 -13.23
C PRO A 247 -0.62 -25.98 -13.52
N LEU A 248 -0.22 -24.75 -13.80
CA LEU A 248 1.20 -24.49 -14.10
C LEU A 248 2.13 -24.77 -12.90
N SER A 249 1.66 -24.47 -11.70
CA SER A 249 2.40 -24.74 -10.48
C SER A 249 2.76 -26.22 -10.30
N VAL A 250 1.92 -27.12 -10.81
CA VAL A 250 2.17 -28.55 -10.62
C VAL A 250 2.48 -29.35 -11.90
N GLY A 251 2.45 -28.70 -13.06
CA GLY A 251 2.74 -29.30 -14.34
C GLY A 251 1.57 -30.00 -14.99
N ALA A 252 0.34 -29.66 -14.57
CA ALA A 252 -0.91 -30.14 -15.17
C ALA A 252 -1.25 -29.51 -16.51
N THR A 253 -2.34 -29.94 -17.10
CA THR A 253 -2.77 -29.42 -18.39
C THR A 253 -4.07 -28.67 -18.15
N ALA A 254 -4.20 -27.50 -18.79
CA ALA A 254 -5.41 -26.70 -18.69
C ALA A 254 -6.08 -26.52 -20.02
N ILE A 255 -7.39 -26.63 -19.99
CA ILE A 255 -8.28 -26.40 -21.12
C ILE A 255 -8.84 -24.96 -20.99
N LEU A 256 -8.72 -24.20 -22.08
CA LEU A 256 -9.27 -22.84 -22.19
C LEU A 256 -10.36 -22.81 -23.25
N MET A 257 -11.39 -21.99 -23.02
CA MET A 257 -12.49 -21.83 -23.94
C MET A 257 -12.79 -20.35 -24.15
N ALA A 258 -12.87 -19.89 -25.39
CA ALA A 258 -13.09 -18.46 -25.69
C ALA A 258 -14.56 -18.02 -25.53
N GLU A 259 -15.51 -18.87 -25.95
CA GLU A 259 -16.93 -18.51 -25.95
C GLU A 259 -17.56 -18.42 -24.57
N ARG A 260 -18.77 -17.84 -24.52
CA ARG A 260 -19.52 -17.71 -23.28
C ARG A 260 -19.85 -19.11 -22.70
N PRO A 261 -19.77 -19.26 -21.37
CA PRO A 261 -19.94 -20.55 -20.68
C PRO A 261 -21.37 -21.04 -20.52
N THR A 262 -22.03 -21.37 -21.62
CA THR A 262 -23.36 -21.99 -21.52
C THR A 262 -23.20 -23.45 -21.06
N ALA A 263 -24.29 -24.09 -20.60
CA ALA A 263 -24.22 -25.49 -20.18
C ALA A 263 -23.65 -26.35 -21.32
N ASP A 264 -24.12 -26.11 -22.54
CA ASP A 264 -23.65 -26.89 -23.72
C ASP A 264 -22.20 -26.65 -24.10
N ALA A 265 -21.72 -25.41 -23.96
CA ALA A 265 -20.31 -25.12 -24.29
C ALA A 265 -19.43 -25.82 -23.28
N ILE A 266 -19.84 -25.79 -22.01
CA ILE A 266 -19.12 -26.44 -20.90
C ILE A 266 -19.07 -27.97 -21.11
N PHE A 267 -20.24 -28.57 -21.32
CA PHE A 267 -20.33 -30.02 -21.64
C PHE A 267 -19.38 -30.46 -22.73
N ALA A 268 -19.26 -29.68 -23.82
CA ALA A 268 -18.35 -30.08 -24.90
C ALA A 268 -16.89 -30.34 -24.43
N ARG A 269 -16.34 -29.41 -23.62
CA ARG A 269 -14.96 -29.59 -23.14
C ARG A 269 -14.88 -30.66 -22.05
N LEU A 270 -15.91 -30.78 -21.22
CA LEU A 270 -15.96 -31.85 -20.24
C LEU A 270 -15.84 -33.23 -20.92
N VAL A 271 -16.52 -33.39 -22.07
CA VAL A 271 -16.56 -34.69 -22.77
C VAL A 271 -15.34 -34.88 -23.68
N GLU A 272 -15.02 -33.86 -24.49
CA GLU A 272 -13.94 -34.01 -25.50
C GLU A 272 -12.57 -34.30 -24.89
N HIS A 273 -12.17 -33.50 -23.90
CA HIS A 273 -10.84 -33.57 -23.34
C HIS A 273 -10.81 -34.27 -21.98
N ARG A 274 -11.95 -34.78 -21.53
CA ARG A 274 -12.05 -35.49 -20.24
C ARG A 274 -11.25 -34.91 -19.05
N PRO A 275 -11.44 -33.60 -18.76
CA PRO A 275 -10.76 -33.09 -17.58
C PRO A 275 -11.15 -33.76 -16.25
N THR A 276 -10.17 -33.85 -15.37
CA THR A 276 -10.35 -34.40 -14.04
C THR A 276 -10.81 -33.35 -13.01
N VAL A 277 -10.58 -32.08 -13.32
CA VAL A 277 -10.93 -30.97 -12.43
C VAL A 277 -11.79 -29.96 -13.22
N PHE A 278 -12.96 -29.62 -12.70
CA PHE A 278 -13.80 -28.57 -13.30
C PHE A 278 -14.12 -27.49 -12.27
N TYR A 279 -14.05 -26.22 -12.66
CA TYR A 279 -14.28 -25.15 -11.72
C TYR A 279 -15.49 -24.34 -12.26
N GLY A 280 -16.53 -24.24 -11.46
CA GLY A 280 -17.73 -23.55 -11.86
C GLY A 280 -18.25 -22.53 -10.87
N VAL A 281 -19.51 -22.13 -11.08
CA VAL A 281 -20.19 -21.20 -10.16
C VAL A 281 -21.66 -21.68 -10.11
N PRO A 282 -22.38 -21.38 -9.02
CA PRO A 282 -23.74 -21.95 -8.87
C PRO A 282 -24.72 -21.80 -10.05
N THR A 283 -24.75 -20.66 -10.73
CA THR A 283 -25.67 -20.50 -11.90
C THR A 283 -25.35 -21.46 -13.05
N LEU A 284 -24.07 -21.75 -13.23
CA LEU A 284 -23.65 -22.72 -14.22
C LEU A 284 -24.10 -24.12 -13.81
N TYR A 285 -23.79 -24.53 -12.57
CA TYR A 285 -24.27 -25.85 -12.10
C TYR A 285 -25.80 -26.02 -12.21
N ALA A 286 -26.55 -24.98 -11.82
CA ALA A 286 -28.03 -25.02 -11.87
C ALA A 286 -28.51 -25.33 -13.27
N ASN A 287 -27.98 -24.60 -14.25
CA ASN A 287 -28.42 -24.72 -15.61
C ASN A 287 -27.89 -26.00 -16.28
N MET A 288 -26.69 -26.42 -15.90
CA MET A 288 -26.17 -27.74 -16.33
C MET A 288 -27.13 -28.89 -15.96
N LEU A 289 -27.56 -28.90 -14.70
CA LEU A 289 -28.34 -30.02 -14.17
C LEU A 289 -29.68 -30.20 -14.87
N VAL A 290 -30.26 -29.11 -15.38
CA VAL A 290 -31.57 -29.19 -16.06
C VAL A 290 -31.47 -29.31 -17.59
N SER A 291 -30.24 -29.35 -18.12
CA SER A 291 -30.05 -29.50 -19.54
C SER A 291 -30.48 -30.90 -20.00
N PRO A 292 -31.21 -30.97 -21.12
CA PRO A 292 -31.46 -32.29 -21.72
C PRO A 292 -30.15 -32.92 -22.25
N ASN A 293 -29.11 -32.10 -22.38
CA ASN A 293 -27.80 -32.55 -22.88
C ASN A 293 -26.79 -32.96 -21.80
N LEU A 294 -27.24 -33.03 -20.54
CA LEU A 294 -26.38 -33.33 -19.42
C LEU A 294 -25.62 -34.64 -19.69
N PRO A 295 -24.27 -34.59 -19.72
CA PRO A 295 -23.51 -35.83 -20.03
C PRO A 295 -23.72 -36.90 -18.97
N ALA A 296 -23.65 -38.16 -19.39
CA ALA A 296 -23.67 -39.29 -18.51
C ALA A 296 -22.41 -39.29 -17.64
N ARG A 297 -22.47 -39.95 -16.48
CA ARG A 297 -21.28 -40.23 -15.65
C ARG A 297 -20.07 -40.72 -16.46
N ALA A 298 -20.28 -41.70 -17.35
CA ALA A 298 -19.20 -42.34 -18.15
C ALA A 298 -18.61 -41.45 -19.27
N ASP A 299 -19.32 -40.36 -19.64
CA ASP A 299 -18.89 -39.41 -20.69
C ASP A 299 -17.82 -38.42 -20.19
N VAL A 300 -17.59 -38.38 -18.87
CA VAL A 300 -16.67 -37.40 -18.26
C VAL A 300 -15.73 -38.10 -17.24
N ALA A 301 -14.71 -37.38 -16.78
CA ALA A 301 -13.68 -37.93 -15.91
C ALA A 301 -13.42 -37.05 -14.70
N ILE A 302 -14.36 -36.16 -14.40
CA ILE A 302 -14.14 -35.22 -13.31
C ILE A 302 -14.04 -35.96 -11.95
N ARG A 303 -12.98 -35.68 -11.20
CA ARG A 303 -12.74 -36.33 -9.92
C ARG A 303 -12.98 -35.36 -8.77
N ILE A 304 -12.93 -34.05 -9.07
CA ILE A 304 -13.21 -33.01 -8.04
C ILE A 304 -13.69 -31.74 -8.79
N CYS A 305 -14.65 -31.01 -8.21
CA CYS A 305 -15.13 -29.75 -8.76
C CYS A 305 -15.13 -28.67 -7.70
N THR A 306 -15.11 -27.41 -8.15
CA THR A 306 -15.22 -26.27 -7.20
C THR A 306 -16.38 -25.36 -7.62
N SER A 307 -16.80 -24.56 -6.66
CA SER A 307 -17.80 -23.56 -6.95
C SER A 307 -17.48 -22.36 -6.07
N ALA A 308 -17.54 -21.16 -6.62
CA ALA A 308 -17.41 -19.90 -5.81
C ALA A 308 -18.27 -18.80 -6.41
N GLY A 309 -18.18 -17.57 -5.89
CA GLY A 309 -18.84 -16.41 -6.53
C GLY A 309 -20.15 -16.09 -5.87
N GLU A 310 -20.99 -17.11 -5.77
CA GLU A 310 -22.24 -17.09 -4.99
C GLU A 310 -22.24 -18.38 -4.23
N ALA A 311 -23.10 -18.50 -3.22
CA ALA A 311 -23.12 -19.74 -2.39
C ALA A 311 -23.85 -20.85 -3.16
N LEU A 312 -23.37 -22.08 -2.97
CA LEU A 312 -23.94 -23.27 -3.63
C LEU A 312 -25.10 -23.88 -2.87
N PRO A 313 -26.31 -23.87 -3.48
CA PRO A 313 -27.46 -24.51 -2.87
C PRO A 313 -27.24 -26.01 -2.64
N ARG A 314 -27.61 -26.47 -1.45
CA ARG A 314 -27.43 -27.88 -1.07
C ARG A 314 -27.83 -28.87 -2.16
N GLU A 315 -28.98 -28.63 -2.78
CA GLU A 315 -29.59 -29.61 -3.69
C GLU A 315 -28.76 -29.75 -4.95
N ILE A 316 -28.14 -28.66 -5.41
CA ILE A 316 -27.31 -28.67 -6.61
C ILE A 316 -26.08 -29.55 -6.36
N GLY A 317 -25.48 -29.42 -5.17
CA GLY A 317 -24.30 -30.19 -4.82
C GLY A 317 -24.69 -31.66 -4.75
N GLU A 318 -25.76 -31.95 -4.00
CA GLU A 318 -26.28 -33.32 -3.85
C GLU A 318 -26.59 -33.98 -5.20
N ARG A 319 -27.33 -33.27 -6.05
CA ARG A 319 -27.77 -33.86 -7.34
C ARG A 319 -26.59 -34.04 -8.28
N PHE A 320 -25.68 -33.07 -8.27
CA PHE A 320 -24.46 -33.18 -9.09
C PHE A 320 -23.59 -34.40 -8.71
N THR A 321 -23.36 -34.60 -7.43
CA THR A 321 -22.58 -35.73 -6.89
C THR A 321 -23.31 -37.07 -7.16
N ALA A 322 -24.64 -37.08 -6.99
CA ALA A 322 -25.47 -38.25 -7.37
C ALA A 322 -25.30 -38.65 -8.84
N HIS A 323 -25.17 -37.67 -9.72
CA HIS A 323 -25.11 -37.96 -11.15
C HIS A 323 -23.69 -38.27 -11.65
N PHE A 324 -22.72 -37.55 -11.11
CA PHE A 324 -21.37 -37.58 -11.63
C PHE A 324 -20.36 -38.32 -10.79
N GLY A 325 -20.68 -38.52 -9.52
CA GLY A 325 -19.80 -39.24 -8.64
C GLY A 325 -18.74 -38.43 -7.96
N CYS A 326 -18.68 -37.12 -8.22
CA CYS A 326 -17.65 -36.29 -7.58
C CYS A 326 -18.25 -35.10 -6.84
N GLU A 327 -17.53 -34.65 -5.82
CA GLU A 327 -17.98 -33.56 -4.96
C GLU A 327 -17.69 -32.23 -5.61
N ILE A 328 -18.52 -31.24 -5.27
CA ILE A 328 -18.18 -29.85 -5.58
C ILE A 328 -17.75 -29.22 -4.26
N LEU A 329 -16.59 -28.58 -4.22
CA LEU A 329 -16.12 -27.90 -3.01
C LEU A 329 -16.57 -26.43 -3.11
N ASP A 330 -17.54 -26.03 -2.30
CA ASP A 330 -17.95 -24.63 -2.23
C ASP A 330 -16.94 -23.84 -1.41
N GLY A 331 -16.45 -22.72 -1.97
CA GLY A 331 -15.41 -21.90 -1.37
C GLY A 331 -15.69 -20.43 -1.63
N ILE A 332 -15.18 -19.57 -0.78
CA ILE A 332 -15.26 -18.14 -1.09
C ILE A 332 -13.83 -17.61 -1.28
N GLY A 333 -13.63 -16.80 -2.30
CA GLY A 333 -12.39 -16.04 -2.42
C GLY A 333 -12.79 -14.61 -2.73
N SER A 334 -11.84 -13.77 -3.07
CA SER A 334 -12.13 -12.40 -3.47
C SER A 334 -10.96 -11.91 -4.32
N THR A 335 -11.17 -10.85 -5.09
CA THR A 335 -10.07 -10.22 -5.79
C THR A 335 -8.98 -9.80 -4.80
N GLU A 336 -9.39 -9.25 -3.63
CA GLU A 336 -8.48 -8.71 -2.63
C GLU A 336 -7.58 -9.80 -1.99
N MET A 337 -8.08 -11.04 -1.89
CA MET A 337 -7.32 -12.14 -1.32
C MET A 337 -6.74 -13.07 -2.41
N LEU A 338 -7.04 -12.72 -3.67
CA LEU A 338 -6.55 -13.39 -4.93
C LEU A 338 -7.05 -14.81 -5.18
N HIS A 339 -7.57 -15.45 -4.13
CA HIS A 339 -8.23 -16.74 -4.35
C HIS A 339 -8.95 -17.17 -3.07
N ILE A 340 -9.26 -18.45 -2.97
CA ILE A 340 -10.12 -19.02 -1.96
C ILE A 340 -9.41 -19.20 -0.59
N PHE A 341 -10.06 -18.72 0.46
CA PHE A 341 -9.47 -18.68 1.77
C PHE A 341 -10.37 -19.37 2.82
N LEU A 342 -11.57 -19.79 2.41
CA LEU A 342 -12.52 -20.49 3.28
C LEU A 342 -13.25 -21.51 2.35
N SER A 343 -13.14 -22.79 2.63
CA SER A 343 -13.60 -23.79 1.67
C SER A 343 -14.01 -25.07 2.35
N ASN A 344 -14.99 -25.76 1.75
CA ASN A 344 -15.27 -27.15 2.06
C ASN A 344 -14.08 -28.01 1.65
N ARG A 345 -13.95 -29.15 2.31
CA ARG A 345 -12.87 -30.11 2.05
C ARG A 345 -13.43 -31.44 1.50
N ALA A 346 -12.70 -32.02 0.56
CA ALA A 346 -13.07 -33.31 -0.09
C ALA A 346 -13.24 -34.40 0.95
N GLY A 347 -14.39 -35.06 0.98
CA GLY A 347 -14.65 -36.07 2.02
C GLY A 347 -15.24 -35.51 3.31
N ALA A 348 -15.33 -34.18 3.42
CA ALA A 348 -15.93 -33.51 4.59
C ALA A 348 -16.90 -32.39 4.21
N VAL A 349 -17.50 -32.56 3.03
CA VAL A 349 -18.49 -31.62 2.46
C VAL A 349 -19.72 -31.43 3.33
N GLU A 350 -20.00 -30.16 3.65
CA GLU A 350 -21.19 -29.76 4.36
C GLU A 350 -21.94 -28.88 3.36
N TYR A 351 -22.69 -29.48 2.42
CA TYR A 351 -23.33 -28.66 1.35
C TYR A 351 -24.28 -27.65 2.04
N GLY A 352 -24.34 -26.41 1.57
CA GLY A 352 -25.06 -25.32 2.29
C GLY A 352 -24.19 -24.37 3.14
N THR A 353 -22.91 -24.71 3.29
CA THR A 353 -21.95 -23.91 4.08
C THR A 353 -20.72 -23.70 3.18
N THR A 354 -19.87 -22.75 3.57
CA THR A 354 -18.56 -22.52 2.93
C THR A 354 -17.41 -23.24 3.63
N GLY A 355 -17.71 -24.22 4.48
CA GLY A 355 -16.64 -25.08 5.01
C GLY A 355 -15.81 -24.36 6.08
N ARG A 356 -14.49 -24.57 6.06
CA ARG A 356 -13.60 -24.03 7.12
C ARG A 356 -12.48 -23.15 6.51
N PRO A 357 -11.79 -22.33 7.35
CA PRO A 357 -10.61 -21.61 6.80
C PRO A 357 -9.61 -22.55 6.13
N VAL A 358 -9.09 -22.10 5.01
CA VAL A 358 -8.01 -22.82 4.32
C VAL A 358 -6.77 -22.60 5.23
N PRO A 359 -6.05 -23.69 5.60
CA PRO A 359 -4.88 -23.51 6.50
C PRO A 359 -3.83 -22.54 5.92
N GLY A 360 -3.34 -21.63 6.73
CA GLY A 360 -2.47 -20.56 6.23
C GLY A 360 -3.30 -19.26 6.19
N TYR A 361 -4.62 -19.40 6.29
CA TYR A 361 -5.57 -18.23 6.44
C TYR A 361 -6.31 -18.25 7.78
N GLU A 362 -6.52 -17.07 8.34
CA GLU A 362 -7.35 -16.86 9.53
C GLU A 362 -8.53 -15.96 9.18
N ILE A 363 -9.70 -16.29 9.72
CA ILE A 363 -10.86 -15.47 9.50
C ILE A 363 -11.47 -15.13 10.85
N GLU A 364 -12.00 -13.91 10.96
CA GLU A 364 -12.69 -13.44 12.15
C GLU A 364 -13.97 -12.75 11.78
N LEU A 365 -14.98 -12.92 12.63
CA LEU A 365 -16.24 -12.18 12.51
C LEU A 365 -16.23 -11.10 13.57
N ARG A 366 -16.64 -9.90 13.18
CA ARG A 366 -16.70 -8.75 14.07
C ARG A 366 -18.03 -8.07 13.85
N ASP A 367 -18.59 -7.48 14.91
CA ASP A 367 -19.78 -6.65 14.76
C ASP A 367 -19.36 -5.23 14.34
N GLU A 368 -20.33 -4.35 14.12
CA GLU A 368 -20.08 -2.97 13.67
C GLU A 368 -19.11 -2.21 14.60
N ALA A 369 -19.09 -2.63 15.86
CA ALA A 369 -18.22 -2.03 16.87
C ALA A 369 -16.86 -2.73 16.97
N GLY A 370 -16.71 -3.88 16.32
CA GLY A 370 -15.43 -4.58 16.35
C GLY A 370 -15.34 -5.59 17.47
N HIS A 371 -16.47 -5.91 18.08
CA HIS A 371 -16.50 -6.93 19.14
C HIS A 371 -16.75 -8.34 18.56
N ALA A 372 -16.42 -9.37 19.33
CA ALA A 372 -16.63 -10.76 18.90
C ALA A 372 -18.10 -11.03 18.54
N VAL A 373 -18.30 -11.98 17.63
CA VAL A 373 -19.66 -12.38 17.25
C VAL A 373 -19.96 -13.77 17.82
N PRO A 374 -21.01 -13.86 18.65
CA PRO A 374 -21.51 -15.14 19.12
C PRO A 374 -22.01 -16.01 17.97
N ASP A 375 -21.69 -17.32 18.05
CA ASP A 375 -22.12 -18.30 17.04
C ASP A 375 -23.62 -18.29 16.83
N GLY A 376 -24.04 -18.24 15.56
CA GLY A 376 -25.44 -18.13 15.22
C GLY A 376 -25.84 -16.71 14.87
N GLU A 377 -24.98 -15.76 15.22
CA GLU A 377 -25.18 -14.38 14.75
C GLU A 377 -24.38 -14.04 13.49
N VAL A 378 -24.94 -13.14 12.69
CA VAL A 378 -24.26 -12.65 11.49
C VAL A 378 -23.35 -11.47 11.80
N GLY A 379 -22.11 -11.54 11.31
CA GLY A 379 -21.11 -10.48 11.52
C GLY A 379 -20.32 -10.18 10.24
N ASP A 380 -19.38 -9.25 10.36
CA ASP A 380 -18.58 -8.86 9.19
C ASP A 380 -17.36 -9.78 9.13
N LEU A 381 -17.04 -10.26 7.94
CA LEU A 381 -15.87 -11.10 7.73
C LEU A 381 -14.57 -10.29 7.53
N TYR A 382 -13.55 -10.63 8.32
CA TYR A 382 -12.18 -10.16 8.14
C TYR A 382 -11.23 -11.31 7.85
N ILE A 383 -10.25 -11.11 6.96
CA ILE A 383 -9.37 -12.22 6.54
C ILE A 383 -7.93 -11.80 6.72
N LYS A 384 -7.11 -12.71 7.26
CA LYS A 384 -5.68 -12.56 7.34
C LYS A 384 -5.02 -13.73 6.60
N GLY A 385 -4.25 -13.43 5.55
CA GLY A 385 -3.42 -14.43 4.90
C GLY A 385 -2.42 -13.81 3.96
N PRO A 386 -1.52 -14.63 3.42
CA PRO A 386 -0.33 -14.13 2.76
C PRO A 386 -0.54 -13.80 1.26
N SER A 387 -1.77 -13.95 0.77
CA SER A 387 -2.09 -13.56 -0.63
C SER A 387 -2.86 -12.26 -0.74
N ALA A 388 -2.98 -11.52 0.39
CA ALA A 388 -3.68 -10.20 0.40
C ALA A 388 -3.04 -9.20 -0.57
N ALA A 389 -3.88 -8.49 -1.32
CA ALA A 389 -3.38 -7.42 -2.18
C ALA A 389 -2.67 -6.32 -1.33
N VAL A 390 -1.86 -5.54 -2.01
CA VAL A 390 -1.05 -4.46 -1.42
C VAL A 390 -1.94 -3.25 -1.10
N MET A 391 -2.87 -2.95 -2.03
CA MET A 391 -3.63 -1.69 -2.03
C MET A 391 -4.57 -1.68 -3.22
N TYR A 392 -5.44 -0.69 -3.21
CA TYR A 392 -6.08 -0.25 -4.43
C TYR A 392 -5.25 0.89 -5.02
N TRP A 393 -4.94 0.81 -6.31
CA TRP A 393 -4.09 1.80 -6.94
C TRP A 393 -4.67 3.22 -6.91
N ASN A 394 -3.87 4.20 -6.49
CA ASN A 394 -4.33 5.61 -6.60
C ASN A 394 -5.71 5.83 -5.92
N ASN A 395 -5.88 5.27 -4.73
CA ASN A 395 -7.11 5.36 -3.98
C ASN A 395 -6.83 5.13 -2.50
N ARG A 396 -6.46 6.20 -1.78
CA ARG A 396 -6.15 6.09 -0.34
C ARG A 396 -7.39 5.78 0.52
N GLU A 397 -8.51 6.46 0.28
CA GLU A 397 -9.72 6.28 1.11
C GLU A 397 -10.16 4.80 1.14
N LYS A 398 -10.34 4.19 -0.03
CA LYS A 398 -10.79 2.79 -0.08
C LYS A 398 -9.69 1.84 0.41
N SER A 399 -8.43 2.15 0.12
CA SER A 399 -7.30 1.32 0.60
C SER A 399 -7.26 1.29 2.13
N ARG A 400 -7.38 2.46 2.77
CA ARG A 400 -7.35 2.57 4.24
C ARG A 400 -8.55 1.91 4.93
N ALA A 401 -9.67 1.80 4.20
CA ALA A 401 -10.90 1.18 4.68
C ALA A 401 -10.92 -0.34 4.51
N THR A 402 -10.00 -0.86 3.71
CA THR A 402 -10.05 -2.28 3.31
C THR A 402 -8.83 -3.01 3.79
N PHE A 403 -7.68 -2.39 3.56
CA PHE A 403 -6.43 -3.06 3.91
C PHE A 403 -5.96 -2.64 5.30
N LEU A 404 -6.36 -3.42 6.31
CA LEU A 404 -6.17 -3.03 7.70
C LEU A 404 -4.96 -3.72 8.29
N GLY A 405 -3.80 -3.53 7.69
CA GLY A 405 -2.56 -4.13 8.17
C GLY A 405 -2.55 -5.60 7.80
N GLU A 406 -2.60 -6.42 8.83
CA GLU A 406 -2.64 -7.88 8.62
C GLU A 406 -4.01 -8.44 8.24
N TRP A 407 -5.05 -7.63 8.39
CA TRP A 407 -6.43 -8.08 8.14
C TRP A 407 -7.06 -7.30 7.01
N ILE A 408 -7.85 -7.98 6.20
CA ILE A 408 -8.63 -7.35 5.13
C ILE A 408 -10.11 -7.30 5.55
N ARG A 409 -10.76 -6.16 5.32
CA ARG A 409 -12.19 -6.06 5.55
C ARG A 409 -12.89 -6.55 4.28
N SER A 410 -13.55 -7.69 4.38
CA SER A 410 -14.08 -8.34 3.14
C SER A 410 -15.34 -7.72 2.51
N GLY A 411 -16.19 -7.06 3.28
CA GLY A 411 -17.51 -6.69 2.73
C GLY A 411 -18.54 -7.84 2.71
N ASP A 412 -18.21 -9.01 3.26
CA ASP A 412 -19.16 -10.11 3.31
C ASP A 412 -19.73 -10.25 4.72
N LYS A 413 -20.94 -10.81 4.78
CA LYS A 413 -21.63 -11.14 6.02
C LYS A 413 -21.61 -12.66 6.23
N TYR A 414 -21.21 -13.10 7.42
CA TYR A 414 -21.02 -14.54 7.70
C TYR A 414 -21.55 -14.92 9.07
N CYS A 415 -21.81 -16.21 9.22
CA CYS A 415 -22.27 -16.77 10.49
C CYS A 415 -21.45 -18.02 10.72
N ARG A 416 -21.22 -18.39 11.98
CA ARG A 416 -20.51 -19.63 12.32
C ARG A 416 -21.39 -20.60 13.14
N LEU A 417 -21.47 -21.84 12.66
CA LEU A 417 -22.28 -22.89 13.28
C LEU A 417 -21.55 -23.54 14.46
N PRO A 418 -22.31 -24.24 15.35
CA PRO A 418 -21.74 -25.07 16.42
C PRO A 418 -20.57 -25.98 15.98
N ASN A 419 -20.70 -26.62 14.81
CA ASN A 419 -19.65 -27.51 14.26
C ASN A 419 -18.44 -26.82 13.59
N GLY A 420 -18.31 -25.50 13.73
CA GLY A 420 -17.20 -24.75 13.12
C GLY A 420 -17.37 -24.29 11.67
N CYS A 421 -18.38 -24.80 10.96
CA CYS A 421 -18.58 -24.40 9.55
C CYS A 421 -19.24 -23.01 9.39
N TYR A 422 -18.69 -22.27 8.43
CA TYR A 422 -19.14 -20.92 8.12
C TYR A 422 -20.27 -20.88 7.09
N VAL A 423 -21.23 -19.97 7.33
CA VAL A 423 -22.39 -19.86 6.46
C VAL A 423 -22.54 -18.40 5.99
N TYR A 424 -22.62 -18.25 4.68
CA TYR A 424 -22.65 -16.97 4.01
C TYR A 424 -24.03 -16.33 4.14
N ALA A 425 -24.05 -15.06 4.53
CA ALA A 425 -25.32 -14.32 4.69
C ALA A 425 -25.57 -13.36 3.52
N GLY A 426 -24.50 -13.03 2.80
CA GLY A 426 -24.60 -12.18 1.64
C GLY A 426 -23.62 -11.04 1.76
N ARG A 427 -23.55 -10.20 0.75
CA ARG A 427 -22.75 -9.00 0.80
C ARG A 427 -23.39 -8.00 1.77
N SER A 428 -22.56 -7.19 2.44
CA SER A 428 -23.05 -6.20 3.37
C SER A 428 -24.15 -5.31 2.73
N ASP A 429 -23.89 -4.86 1.50
CA ASP A 429 -24.79 -4.00 0.73
C ASP A 429 -26.12 -4.66 0.37
N ASP A 430 -26.11 -5.98 0.25
CA ASP A 430 -27.33 -6.73 -0.07
C ASP A 430 -28.19 -7.13 1.14
N MET A 431 -27.74 -6.81 2.36
CA MET A 431 -28.50 -7.15 3.58
C MET A 431 -29.84 -6.42 3.57
N LEU A 432 -30.89 -7.13 3.97
CA LEU A 432 -32.23 -6.52 4.09
C LEU A 432 -32.47 -6.07 5.52
N LYS A 433 -33.23 -4.99 5.67
CA LYS A 433 -33.54 -4.38 6.96
C LYS A 433 -35.05 -4.30 7.18
N TYR A 438 -30.77 -6.56 8.60
CA TYR A 438 -31.22 -7.52 9.62
C TYR A 438 -31.63 -8.88 9.02
N VAL A 439 -31.90 -8.92 7.71
CA VAL A 439 -32.20 -10.21 7.06
C VAL A 439 -31.19 -10.52 5.93
N SER A 440 -30.62 -11.72 6.01
CA SER A 440 -29.77 -12.31 4.96
C SER A 440 -30.56 -12.61 3.70
N PRO A 441 -30.22 -11.97 2.55
CA PRO A 441 -30.89 -12.30 1.29
C PRO A 441 -30.59 -13.76 0.90
N VAL A 442 -29.40 -14.22 1.26
CA VAL A 442 -28.95 -15.56 0.91
C VAL A 442 -29.78 -16.59 1.68
N GLU A 443 -30.03 -16.34 2.97
CA GLU A 443 -30.84 -17.31 3.75
C GLU A 443 -32.23 -17.56 3.05
N VAL A 444 -32.85 -16.48 2.57
CA VAL A 444 -34.14 -16.54 1.87
C VAL A 444 -34.02 -17.21 0.51
N GLU A 445 -33.01 -16.84 -0.28
CA GLU A 445 -32.80 -17.45 -1.58
C GLU A 445 -32.62 -18.96 -1.48
N MET A 446 -31.80 -19.39 -0.51
CA MET A 446 -31.54 -20.83 -0.27
C MET A 446 -32.81 -21.64 0.07
N VAL A 447 -33.73 -21.02 0.82
CA VAL A 447 -35.07 -21.61 1.04
C VAL A 447 -35.93 -21.64 -0.23
N LEU A 448 -36.02 -20.53 -0.96
CA LEU A 448 -36.78 -20.50 -2.20
C LEU A 448 -36.39 -21.57 -3.21
N VAL A 449 -35.08 -21.75 -3.43
CA VAL A 449 -34.62 -22.68 -4.47
C VAL A 449 -34.87 -24.14 -4.08
N GLN A 450 -35.20 -24.41 -2.82
CA GLN A 450 -35.61 -25.74 -2.39
C GLN A 450 -36.97 -26.18 -2.96
N HIS A 451 -37.77 -25.23 -3.40
CA HIS A 451 -39.08 -25.53 -3.97
C HIS A 451 -38.88 -26.10 -5.36
N ASP A 452 -39.64 -27.14 -5.70
CA ASP A 452 -39.44 -27.87 -6.97
C ASP A 452 -39.63 -27.01 -8.22
N ALA A 453 -40.39 -25.92 -8.12
CA ALA A 453 -40.62 -25.07 -9.30
C ALA A 453 -39.45 -24.15 -9.62
N VAL A 454 -38.57 -23.93 -8.66
CA VAL A 454 -37.64 -22.79 -8.74
C VAL A 454 -36.27 -23.26 -9.24
N LEU A 455 -35.83 -22.70 -10.36
CA LEU A 455 -34.47 -22.94 -10.86
C LEU A 455 -33.44 -22.05 -10.14
N GLU A 456 -33.70 -20.74 -10.07
CA GLU A 456 -32.84 -19.80 -9.35
C GLU A 456 -33.69 -18.69 -8.77
N ALA A 457 -33.14 -18.02 -7.75
CA ALA A 457 -33.82 -16.92 -7.04
C ALA A 457 -32.85 -15.88 -6.51
N ALA A 458 -33.29 -14.62 -6.53
CA ALA A 458 -32.59 -13.50 -5.87
C ALA A 458 -33.60 -12.70 -5.02
N VAL A 459 -33.21 -12.38 -3.79
CA VAL A 459 -34.06 -11.68 -2.84
C VAL A 459 -33.44 -10.31 -2.51
N VAL A 460 -34.19 -9.22 -2.72
CA VAL A 460 -33.68 -7.85 -2.56
C VAL A 460 -34.74 -6.99 -1.85
N GLY A 461 -34.31 -5.87 -1.26
CA GLY A 461 -35.24 -4.87 -0.71
C GLY A 461 -35.49 -3.79 -1.74
N VAL A 462 -36.76 -3.56 -2.10
CA VAL A 462 -37.11 -2.52 -3.06
C VAL A 462 -37.96 -1.44 -2.36
N ASP A 463 -37.53 -0.19 -2.51
CA ASP A 463 -38.20 0.95 -1.90
C ASP A 463 -39.25 1.51 -2.87
N HIS A 464 -40.53 1.29 -2.55
CA HIS A 464 -41.66 1.91 -3.27
C HIS A 464 -42.29 3.01 -2.40
N GLY A 465 -42.05 4.27 -2.79
CA GLY A 465 -42.06 5.44 -1.89
C GLY A 465 -42.97 5.44 -0.67
N GLY A 466 -42.42 5.49 0.54
CA GLY A 466 -40.99 5.34 0.82
C GLY A 466 -40.79 4.16 1.78
N LEU A 467 -41.32 3.01 1.36
CA LEU A 467 -41.26 1.79 2.15
C LEU A 467 -40.44 0.73 1.43
N VAL A 468 -39.43 0.20 2.12
CA VAL A 468 -38.63 -0.92 1.59
C VAL A 468 -39.34 -2.24 1.88
N LYS A 469 -39.65 -2.97 0.82
CA LYS A 469 -40.24 -4.31 0.91
C LYS A 469 -39.32 -5.39 0.34
N THR A 470 -39.39 -6.58 0.92
CA THR A 470 -38.61 -7.71 0.44
C THR A 470 -39.31 -8.26 -0.81
N ARG A 471 -38.55 -8.39 -1.89
CA ARG A 471 -39.02 -8.93 -3.14
C ARG A 471 -38.10 -10.07 -3.64
N ALA A 472 -38.71 -11.19 -4.01
CA ALA A 472 -37.99 -12.31 -4.62
C ALA A 472 -38.18 -12.30 -6.12
N PHE A 473 -37.07 -12.41 -6.85
CA PHE A 473 -37.07 -12.61 -8.30
C PHE A 473 -36.73 -14.07 -8.59
N VAL A 474 -37.64 -14.74 -9.29
CA VAL A 474 -37.60 -16.19 -9.38
C VAL A 474 -37.55 -16.63 -10.83
N VAL A 475 -36.57 -17.47 -11.14
CA VAL A 475 -36.49 -18.12 -12.45
C VAL A 475 -37.07 -19.50 -12.25
N LEU A 476 -38.12 -19.80 -13.01
CA LEU A 476 -38.81 -21.10 -12.87
C LEU A 476 -38.21 -22.15 -13.80
N LYS A 477 -38.24 -23.41 -13.37
CA LYS A 477 -37.93 -24.53 -14.25
C LYS A 477 -38.94 -24.61 -15.40
N ARG A 478 -38.53 -25.15 -16.55
CA ARG A 478 -39.32 -25.10 -17.78
C ARG A 478 -40.71 -25.76 -17.67
N GLU A 479 -40.87 -26.68 -16.72
CA GLU A 479 -42.12 -27.44 -16.58
C GLU A 479 -43.20 -26.64 -15.82
N PHE A 480 -42.82 -25.45 -15.35
CA PHE A 480 -43.67 -24.61 -14.51
C PHE A 480 -44.01 -23.28 -15.16
N ALA A 481 -45.25 -22.86 -15.00
CA ALA A 481 -45.75 -21.61 -15.59
C ALA A 481 -45.94 -20.60 -14.47
N PRO A 482 -45.65 -19.33 -14.76
CA PRO A 482 -45.81 -18.31 -13.73
C PRO A 482 -47.31 -18.03 -13.50
N SER A 483 -47.70 -17.79 -12.24
CA SER A 483 -49.11 -17.55 -11.89
C SER A 483 -49.18 -16.96 -10.50
N GLU A 484 -50.26 -16.25 -10.21
CA GLU A 484 -50.47 -15.71 -8.87
C GLU A 484 -50.65 -16.83 -7.85
N ILE A 485 -51.23 -17.96 -8.28
CA ILE A 485 -51.30 -19.17 -7.43
C ILE A 485 -49.90 -19.62 -7.02
N LEU A 486 -49.03 -19.76 -8.02
CA LEU A 486 -47.66 -20.22 -7.75
C LEU A 486 -46.88 -19.21 -6.89
N ALA A 487 -46.98 -17.92 -7.20
CA ALA A 487 -46.39 -16.86 -6.37
C ALA A 487 -46.81 -16.99 -4.91
N GLU A 488 -48.13 -17.15 -4.66
CA GLU A 488 -48.63 -17.42 -3.33
C GLU A 488 -48.04 -18.70 -2.70
N GLU A 489 -47.97 -19.80 -3.46
CA GLU A 489 -47.38 -21.06 -2.95
C GLU A 489 -45.93 -20.86 -2.45
N LEU A 490 -45.15 -20.13 -3.23
CA LEU A 490 -43.73 -19.87 -2.90
C LEU A 490 -43.58 -19.02 -1.65
N LYS A 491 -44.44 -18.02 -1.49
CA LYS A 491 -44.43 -17.20 -0.27
C LYS A 491 -44.74 -18.03 0.97
N ALA A 492 -45.80 -18.81 0.88
CA ALA A 492 -46.20 -19.79 1.90
C ALA A 492 -45.08 -20.81 2.19
N PHE A 493 -44.41 -21.28 1.12
CA PHE A 493 -43.26 -22.19 1.24
C PHE A 493 -42.16 -21.61 2.14
N VAL A 494 -41.84 -20.33 1.96
CA VAL A 494 -40.78 -19.67 2.75
C VAL A 494 -41.25 -19.32 4.16
N LYS A 495 -42.47 -18.80 4.27
CA LYS A 495 -43.12 -18.44 5.55
C LYS A 495 -43.14 -19.64 6.52
N ASP A 496 -43.38 -20.82 5.98
CA ASP A 496 -43.34 -22.06 6.73
C ASP A 496 -41.92 -22.47 7.17
N ARG A 497 -40.90 -21.88 6.56
CA ARG A 497 -39.50 -22.31 6.82
C ARG A 497 -38.60 -21.32 7.54
N LEU A 498 -39.02 -20.06 7.61
CA LEU A 498 -38.23 -18.98 8.23
C LEU A 498 -39.12 -18.10 9.13
N ALA A 499 -38.48 -17.36 10.03
CA ALA A 499 -39.15 -16.37 10.90
C ALA A 499 -39.94 -15.36 10.06
N PRO A 500 -41.05 -14.78 10.65
CA PRO A 500 -42.07 -14.03 9.88
C PRO A 500 -41.55 -12.76 9.18
N HIS A 501 -40.52 -12.14 9.75
CA HIS A 501 -39.94 -10.93 9.16
C HIS A 501 -39.06 -11.21 7.93
N LYS A 502 -38.82 -12.49 7.64
CA LYS A 502 -37.89 -12.90 6.57
C LYS A 502 -38.56 -13.17 5.20
N TYR A 503 -39.80 -13.68 5.20
CA TYR A 503 -40.43 -14.13 3.94
C TYR A 503 -40.67 -12.97 2.92
N PRO A 504 -40.54 -13.26 1.60
CA PRO A 504 -40.72 -12.15 0.65
C PRO A 504 -42.19 -11.71 0.45
N ARG A 505 -42.40 -10.40 0.34
CA ARG A 505 -43.72 -9.78 0.21
C ARG A 505 -44.28 -9.82 -1.23
N ASP A 506 -43.37 -9.76 -2.22
CA ASP A 506 -43.68 -9.91 -3.65
C ASP A 506 -42.82 -11.04 -4.20
N ILE A 507 -43.34 -11.72 -5.24
CA ILE A 507 -42.57 -12.66 -6.07
C ILE A 507 -42.70 -12.16 -7.50
N VAL A 508 -41.58 -11.94 -8.17
CA VAL A 508 -41.61 -11.56 -9.58
C VAL A 508 -40.97 -12.72 -10.37
N PHE A 509 -41.70 -13.22 -11.35
CA PHE A 509 -41.18 -14.27 -12.23
C PHE A 509 -40.40 -13.66 -13.39
N VAL A 510 -39.18 -14.16 -13.62
CA VAL A 510 -38.30 -13.66 -14.68
C VAL A 510 -37.69 -14.82 -15.51
N ASP A 511 -37.31 -14.52 -16.76
CA ASP A 511 -36.67 -15.52 -17.61
C ASP A 511 -35.21 -15.77 -17.21
N ASP A 512 -34.59 -14.75 -16.63
CA ASP A 512 -33.20 -14.84 -16.18
C ASP A 512 -32.92 -13.78 -15.12
N LEU A 513 -31.95 -14.05 -14.26
CA LEU A 513 -31.45 -13.03 -13.33
C LEU A 513 -30.33 -12.23 -14.01
N PRO A 514 -30.18 -10.93 -13.67
CA PRO A 514 -29.06 -10.11 -14.16
C PRO A 514 -27.78 -10.57 -13.44
N LYS A 515 -26.76 -10.87 -14.24
CA LYS A 515 -25.52 -11.46 -13.73
C LYS A 515 -24.29 -10.77 -14.34
N THR A 516 -23.26 -10.57 -13.53
CA THR A 516 -21.94 -10.18 -14.06
C THR A 516 -21.45 -11.24 -15.05
N ALA A 517 -20.46 -10.89 -15.89
CA ALA A 517 -19.82 -11.88 -16.76
C ALA A 517 -19.37 -13.08 -15.92
N THR A 518 -18.97 -12.81 -14.67
CA THR A 518 -18.44 -13.85 -13.79
C THR A 518 -19.46 -14.81 -13.17
N GLY A 519 -20.75 -14.59 -13.42
CA GLY A 519 -21.77 -15.47 -12.87
C GLY A 519 -22.32 -15.01 -11.51
N LYS A 520 -21.92 -13.83 -11.04
CA LYS A 520 -22.48 -13.29 -9.79
C LYS A 520 -23.82 -12.56 -10.11
N ILE A 521 -24.79 -12.68 -9.22
CA ILE A 521 -26.11 -12.04 -9.45
C ILE A 521 -26.00 -10.59 -9.10
N GLN A 522 -26.45 -9.72 -10.01
CA GLN A 522 -26.39 -8.29 -9.78
C GLN A 522 -27.67 -7.84 -9.05
N ARG A 523 -27.68 -8.08 -7.76
CA ARG A 523 -28.81 -7.69 -6.91
C ARG A 523 -29.05 -6.16 -6.94
N PHE A 524 -28.02 -5.35 -7.12
CA PHE A 524 -28.23 -3.90 -7.27
C PHE A 524 -29.14 -3.55 -8.44
N LYS A 525 -29.05 -4.30 -9.55
CA LYS A 525 -29.94 -4.10 -10.71
C LYS A 525 -31.39 -4.37 -10.36
N LEU A 526 -31.62 -5.42 -9.59
CA LEU A 526 -32.97 -5.81 -9.17
C LEU A 526 -33.57 -4.76 -8.25
N ARG A 527 -32.75 -4.17 -7.37
CA ARG A 527 -33.18 -3.04 -6.53
C ARG A 527 -33.57 -1.78 -7.32
N GLU A 528 -32.96 -1.58 -8.50
CA GLU A 528 -33.10 -0.31 -9.25
C GLU A 528 -34.12 -0.34 -10.40
N LEU B 22 -5.46 17.45 -12.85
CA LEU B 22 -5.62 16.37 -11.82
C LEU B 22 -5.13 16.90 -10.45
N PHE B 23 -4.08 16.33 -9.84
CA PHE B 23 -3.33 17.08 -8.80
C PHE B 23 -1.86 16.72 -8.80
N ASN B 24 -0.99 17.72 -8.97
CA ASN B 24 0.47 17.53 -8.92
C ASN B 24 1.06 18.57 -7.98
N PHE B 25 1.72 18.13 -6.90
CA PHE B 25 2.13 19.11 -5.87
C PHE B 25 3.06 20.21 -6.42
N ALA B 26 3.99 19.85 -7.33
CA ALA B 26 4.86 20.82 -7.94
C ALA B 26 4.08 21.82 -8.79
N ALA B 27 3.22 21.32 -9.69
CA ALA B 27 2.37 22.22 -10.53
C ALA B 27 1.53 23.14 -9.65
N TYR B 28 1.02 22.59 -8.54
CA TYR B 28 0.20 23.32 -7.59
C TYR B 28 0.95 24.50 -6.94
N LEU B 29 2.14 24.23 -6.40
CA LEU B 29 3.02 25.31 -5.93
C LEU B 29 3.31 26.37 -7.02
N PHE B 30 3.58 25.93 -8.25
CA PHE B 30 3.96 26.90 -9.30
C PHE B 30 2.80 27.87 -9.56
N ARG B 31 1.59 27.33 -9.54
CA ARG B 31 0.37 28.09 -9.77
C ARG B 31 0.09 29.04 -8.57
N LEU B 32 0.20 28.54 -7.34
CA LEU B 32 0.02 29.36 -6.12
C LEU B 32 0.98 30.57 -6.13
N ASN B 33 2.19 30.37 -6.66
CA ASN B 33 3.22 31.41 -6.59
C ASN B 33 3.40 32.27 -7.83
N GLU B 34 2.51 32.12 -8.82
CA GLU B 34 2.62 32.87 -10.09
C GLU B 34 2.73 34.41 -9.92
N THR B 35 1.97 34.97 -8.97
CA THR B 35 1.97 36.42 -8.73
C THR B 35 3.19 36.94 -7.98
N ARG B 36 4.07 36.05 -7.50
CA ARG B 36 5.30 36.47 -6.81
C ARG B 36 6.57 35.94 -7.49
N ALA B 37 6.52 35.86 -8.81
CA ALA B 37 7.65 35.40 -9.62
C ALA B 37 8.95 36.10 -9.27
N GLY B 38 8.88 37.39 -8.93
CA GLY B 38 10.08 38.14 -8.63
C GLY B 38 10.59 38.06 -7.19
N LYS B 39 9.82 37.44 -6.32
CA LYS B 39 10.23 37.32 -4.91
C LYS B 39 11.24 36.17 -4.76
N THR B 40 12.27 36.39 -3.94
CA THR B 40 13.20 35.32 -3.51
C THR B 40 12.44 34.19 -2.79
N ALA B 41 12.57 32.98 -3.33
CA ALA B 41 12.06 31.75 -2.72
C ALA B 41 13.16 31.13 -1.84
N TYR B 42 14.37 31.08 -2.38
CA TYR B 42 15.52 30.41 -1.73
C TYR B 42 16.73 31.31 -1.62
N ILE B 43 17.31 31.32 -0.42
CA ILE B 43 18.64 31.84 -0.21
C ILE B 43 19.53 30.67 0.27
N ASP B 44 20.64 30.49 -0.42
CA ASP B 44 21.58 29.44 -0.03
C ASP B 44 23.03 29.94 0.01
N ASP B 45 24.00 29.05 0.14
CA ASP B 45 25.39 29.48 0.33
C ASP B 45 26.00 30.15 -0.91
N THR B 46 25.28 30.09 -2.03
CA THR B 46 25.75 30.57 -3.28
C THR B 46 25.01 31.82 -3.82
N GLY B 47 23.79 32.08 -3.32
CA GLY B 47 23.04 33.24 -3.75
C GLY B 47 21.54 33.08 -3.60
N SER B 48 20.78 33.89 -4.32
CA SER B 48 19.32 33.89 -4.21
C SER B 48 18.62 33.38 -5.48
N THR B 49 17.48 32.72 -5.31
CA THR B 49 16.67 32.23 -6.42
C THR B 49 15.21 32.70 -6.28
N THR B 50 14.67 33.33 -7.31
CA THR B 50 13.27 33.78 -7.26
C THR B 50 12.28 32.63 -7.43
N TYR B 51 11.03 32.85 -7.02
CA TYR B 51 9.94 31.90 -7.37
C TYR B 51 9.82 31.62 -8.88
N GLY B 52 10.05 32.65 -9.69
CA GLY B 52 10.02 32.44 -11.14
C GLY B 52 11.16 31.57 -11.61
N GLU B 53 12.36 31.82 -11.06
CA GLU B 53 13.55 31.03 -11.41
C GLU B 53 13.37 29.59 -10.95
N LEU B 54 12.87 29.42 -9.73
CA LEU B 54 12.54 28.09 -9.21
C LEU B 54 11.69 27.30 -10.18
N GLU B 55 10.54 27.86 -10.57
CA GLU B 55 9.66 27.18 -11.53
C GLU B 55 10.34 26.84 -12.87
N GLU B 56 11.00 27.84 -13.48
CA GLU B 56 11.73 27.65 -14.72
C GLU B 56 12.71 26.48 -14.65
N ARG B 57 13.59 26.50 -13.64
CA ARG B 57 14.65 25.48 -13.48
C ARG B 57 14.05 24.11 -13.19
N ALA B 58 13.04 24.08 -12.32
CA ALA B 58 12.32 22.81 -12.03
C ALA B 58 11.71 22.17 -13.29
N ARG B 59 10.97 22.98 -14.06
CA ARG B 59 10.29 22.52 -15.24
C ARG B 59 11.29 22.13 -16.34
N ARG B 60 12.40 22.86 -16.44
CA ARG B 60 13.51 22.44 -17.32
C ARG B 60 14.11 21.08 -16.90
N PHE B 61 14.20 20.84 -15.59
CA PHE B 61 14.72 19.57 -15.06
C PHE B 61 13.73 18.41 -15.34
N ALA B 62 12.43 18.72 -15.33
CA ALA B 62 11.40 17.79 -15.78
C ALA B 62 11.68 17.29 -17.23
N SER B 63 11.92 18.22 -18.15
CA SER B 63 12.31 17.90 -19.51
C SER B 63 13.62 17.11 -19.62
N ALA B 64 14.62 17.50 -18.84
CA ALA B 64 15.91 16.81 -18.77
C ALA B 64 15.76 15.34 -18.41
N LEU B 65 14.89 15.04 -17.44
CA LEU B 65 14.63 13.70 -17.04
C LEU B 65 14.01 12.90 -18.18
N ARG B 66 13.00 13.48 -18.84
CA ARG B 66 12.40 12.83 -20.00
C ARG B 66 13.43 12.56 -21.10
N THR B 67 14.27 13.58 -21.39
CA THR B 67 15.39 13.42 -22.32
C THR B 67 16.36 12.30 -21.91
N LEU B 68 16.62 12.14 -20.60
CA LEU B 68 17.46 11.03 -20.12
C LEU B 68 16.77 9.66 -20.20
N GLY B 69 15.53 9.61 -20.70
CA GLY B 69 14.74 8.37 -20.75
C GLY B 69 14.12 7.91 -19.42
N VAL B 70 14.09 8.77 -18.39
CA VAL B 70 13.49 8.37 -17.12
C VAL B 70 11.99 8.60 -17.24
N HIS B 71 11.19 7.53 -17.06
CA HIS B 71 9.71 7.62 -17.19
C HIS B 71 9.01 8.06 -15.91
N PRO B 72 7.78 8.58 -16.05
CA PRO B 72 6.93 8.72 -14.88
C PRO B 72 6.89 7.41 -14.08
N GLU B 73 6.88 7.58 -12.75
CA GLU B 73 6.85 6.52 -11.72
C GLU B 73 8.20 5.83 -11.43
N GLU B 74 9.18 5.98 -12.30
CA GLU B 74 10.50 5.44 -12.03
C GLU B 74 11.17 6.38 -10.99
N ARG B 75 12.08 5.82 -10.17
CA ARG B 75 12.75 6.61 -9.13
C ARG B 75 14.05 7.23 -9.62
N ILE B 76 14.35 8.41 -9.10
CA ILE B 76 15.72 8.93 -8.98
C ILE B 76 16.19 9.01 -7.52
N LEU B 77 17.48 8.77 -7.27
CA LEU B 77 18.06 8.91 -5.93
C LEU B 77 18.72 10.29 -5.81
N LEU B 78 18.31 11.04 -4.82
CA LEU B 78 18.91 12.35 -4.51
C LEU B 78 19.87 12.21 -3.35
N VAL B 79 21.14 12.44 -3.64
CA VAL B 79 22.17 12.49 -2.57
C VAL B 79 22.77 13.88 -2.63
N MET B 80 22.02 14.85 -2.10
CA MET B 80 22.29 16.27 -2.34
C MET B 80 22.26 17.07 -1.03
N LEU B 81 23.26 17.94 -0.86
CA LEU B 81 23.29 18.90 0.24
C LEU B 81 22.16 19.93 0.11
N ASP B 82 21.93 20.64 1.22
CA ASP B 82 20.92 21.71 1.23
C ASP B 82 21.46 22.90 0.44
N THR B 83 21.11 22.91 -0.84
CA THR B 83 21.31 24.04 -1.78
C THR B 83 20.05 24.13 -2.61
N VAL B 84 19.86 25.21 -3.37
CA VAL B 84 18.66 25.38 -4.19
C VAL B 84 18.49 24.26 -5.26
N ALA B 85 19.59 23.61 -5.62
CA ALA B 85 19.56 22.47 -6.53
C ALA B 85 18.65 21.31 -6.03
N LEU B 86 18.55 21.12 -4.71
CA LEU B 86 17.72 20.03 -4.15
C LEU B 86 16.22 20.28 -4.38
N PRO B 87 15.67 21.45 -3.95
CA PRO B 87 14.29 21.82 -4.33
C PRO B 87 14.07 21.82 -5.86
N VAL B 88 15.06 22.24 -6.65
CA VAL B 88 14.91 22.16 -8.11
C VAL B 88 14.77 20.70 -8.62
N ALA B 89 15.59 19.82 -8.10
CA ALA B 89 15.56 18.39 -8.52
C ALA B 89 14.28 17.72 -8.04
N PHE B 90 13.90 17.99 -6.78
CA PHE B 90 12.73 17.37 -6.14
C PHE B 90 11.40 17.79 -6.85
N LEU B 91 11.20 19.11 -7.01
CA LEU B 91 10.06 19.69 -7.72
C LEU B 91 10.05 19.38 -9.21
N GLY B 92 11.22 19.42 -9.84
CA GLY B 92 11.32 19.02 -11.24
C GLY B 92 10.96 17.54 -11.46
N ALA B 93 11.40 16.67 -10.56
CA ALA B 93 10.92 15.25 -10.61
C ALA B 93 9.43 15.12 -10.42
N LEU B 94 8.87 15.73 -9.37
CA LEU B 94 7.42 15.69 -9.18
C LEU B 94 6.65 16.17 -10.41
N TYR B 95 7.08 17.28 -11.01
CA TYR B 95 6.41 17.81 -12.22
C TYR B 95 6.46 16.79 -13.38
N ALA B 96 7.59 16.13 -13.55
CA ALA B 96 7.75 15.03 -14.51
C ALA B 96 6.99 13.73 -14.12
N GLY B 97 6.43 13.66 -12.91
CA GLY B 97 5.88 12.37 -12.39
C GLY B 97 6.94 11.34 -12.01
N VAL B 98 8.20 11.77 -11.98
CA VAL B 98 9.35 10.93 -11.61
C VAL B 98 9.50 10.99 -10.10
N VAL B 99 9.82 9.87 -9.49
CA VAL B 99 9.68 9.74 -8.05
C VAL B 99 11.08 9.97 -7.39
N PRO B 100 11.31 11.15 -6.77
CA PRO B 100 12.62 11.28 -6.14
C PRO B 100 12.69 10.56 -4.79
N VAL B 101 13.88 10.05 -4.46
CA VAL B 101 14.13 9.38 -3.18
C VAL B 101 15.22 10.22 -2.55
N VAL B 102 14.90 10.95 -1.50
CA VAL B 102 15.82 12.00 -1.00
C VAL B 102 16.64 11.37 0.11
N ALA B 103 17.93 11.19 -0.12
CA ALA B 103 18.78 10.42 0.84
C ALA B 103 19.65 11.24 1.82
N ASN B 104 19.92 10.64 2.96
CA ASN B 104 20.93 11.18 3.92
C ASN B 104 22.31 11.25 3.18
N THR B 105 22.97 12.42 3.29
CA THR B 105 24.23 12.73 2.60
C THR B 105 25.48 12.25 3.38
N LEU B 106 25.26 11.67 4.55
CA LEU B 106 26.35 11.29 5.43
C LEU B 106 26.47 9.78 5.55
N LEU B 107 26.00 9.04 4.56
CA LEU B 107 26.04 7.58 4.59
C LEU B 107 27.27 7.01 3.89
N THR B 108 27.46 5.69 3.99
CA THR B 108 28.63 5.03 3.42
C THR B 108 28.31 4.52 2.01
N PRO B 109 29.36 4.20 1.21
CA PRO B 109 29.06 3.59 -0.08
C PRO B 109 28.15 2.34 -0.02
N ALA B 110 28.32 1.46 0.96
CA ALA B 110 27.44 0.29 1.10
C ALA B 110 25.96 0.66 1.32
N ASP B 111 25.73 1.67 2.14
CA ASP B 111 24.41 2.23 2.38
C ASP B 111 23.80 2.64 1.06
N TYR B 112 24.55 3.37 0.23
CA TYR B 112 24.04 3.85 -1.04
C TYR B 112 23.86 2.72 -2.06
N VAL B 113 24.71 1.67 -2.01
CA VAL B 113 24.46 0.44 -2.82
C VAL B 113 23.05 -0.07 -2.56
N TYR B 114 22.69 -0.21 -1.27
CA TYR B 114 21.37 -0.72 -0.91
C TYR B 114 20.26 0.18 -1.46
N MET B 115 20.36 1.49 -1.25
CA MET B 115 19.35 2.42 -1.78
C MET B 115 19.27 2.37 -3.30
N LEU B 116 20.41 2.29 -4.00
CA LEU B 116 20.35 2.23 -5.45
C LEU B 116 19.61 0.98 -5.93
N THR B 117 19.93 -0.14 -5.30
CA THR B 117 19.35 -1.43 -5.70
C THR B 117 17.87 -1.50 -5.27
N HIS B 118 17.58 -1.13 -4.01
CA HIS B 118 16.22 -1.21 -3.47
C HIS B 118 15.24 -0.30 -4.22
N SER B 119 15.69 0.92 -4.54
CA SER B 119 14.86 1.88 -5.25
C SER B 119 14.80 1.62 -6.77
N HIS B 120 15.69 0.79 -7.30
CA HIS B 120 15.81 0.63 -8.76
C HIS B 120 15.99 2.00 -9.44
N ALA B 121 16.62 2.95 -8.75
CA ALA B 121 16.90 4.30 -9.28
C ALA B 121 17.41 4.25 -10.71
N ARG B 122 16.83 5.10 -11.56
CA ARG B 122 17.26 5.28 -12.96
C ARG B 122 18.36 6.33 -13.10
N ALA B 123 18.44 7.21 -12.11
CA ALA B 123 19.49 8.22 -12.11
C ALA B 123 19.77 8.52 -10.64
N VAL B 124 21.00 8.91 -10.33
CA VAL B 124 21.29 9.47 -9.03
C VAL B 124 21.93 10.85 -9.22
N ILE B 125 21.39 11.83 -8.50
CA ILE B 125 21.93 13.18 -8.54
C ILE B 125 22.70 13.36 -7.24
N ALA B 126 24.01 13.64 -7.38
CA ALA B 126 24.88 13.75 -6.22
C ALA B 126 25.61 15.08 -6.21
N SER B 127 25.64 15.69 -5.03
CA SER B 127 26.50 16.86 -4.80
C SER B 127 27.98 16.48 -5.03
N GLY B 128 28.74 17.41 -5.61
CA GLY B 128 30.17 17.23 -5.84
C GLY B 128 30.89 16.52 -4.70
N ALA B 129 30.64 16.96 -3.46
CA ALA B 129 31.31 16.36 -2.28
C ALA B 129 30.99 14.91 -2.00
N LEU B 130 29.89 14.43 -2.58
CA LEU B 130 29.45 13.02 -2.41
C LEU B 130 29.65 12.14 -3.61
N VAL B 131 30.26 12.69 -4.66
CA VAL B 131 30.48 11.94 -5.89
C VAL B 131 31.29 10.65 -5.64
N GLN B 132 32.31 10.73 -4.79
CA GLN B 132 33.18 9.57 -4.57
C GLN B 132 32.43 8.39 -3.95
N ASN B 133 31.69 8.67 -2.88
CA ASN B 133 30.85 7.66 -2.24
C ASN B 133 29.81 7.08 -3.19
N VAL B 134 29.16 7.93 -3.97
CA VAL B 134 28.06 7.48 -4.86
C VAL B 134 28.61 6.71 -6.05
N THR B 135 29.75 7.18 -6.57
CA THR B 135 30.44 6.49 -7.67
C THR B 135 30.84 5.09 -7.21
N GLN B 136 31.43 4.99 -6.04
CA GLN B 136 31.84 3.68 -5.49
C GLN B 136 30.63 2.75 -5.36
N ALA B 137 29.52 3.29 -4.87
CA ALA B 137 28.27 2.52 -4.80
C ALA B 137 27.83 2.01 -6.18
N LEU B 138 27.85 2.89 -7.18
CA LEU B 138 27.38 2.54 -8.51
C LEU B 138 28.25 1.45 -9.17
N GLU B 139 29.52 1.41 -8.78
CA GLU B 139 30.46 0.39 -9.26
C GLU B 139 30.15 -1.02 -8.76
N SER B 140 29.57 -1.14 -7.56
CA SER B 140 28.94 -2.40 -7.11
C SER B 140 27.48 -2.48 -7.58
N ALA B 141 27.23 -3.20 -8.67
CA ALA B 141 25.90 -3.29 -9.28
C ALA B 141 25.83 -4.44 -10.30
N GLY B 145 22.17 0.25 -15.20
CA GLY B 145 21.89 1.34 -16.12
C GLY B 145 21.61 2.68 -15.43
N CYS B 146 21.71 2.73 -14.11
CA CYS B 146 21.50 4.00 -13.36
C CYS B 146 22.55 5.01 -13.76
N GLN B 147 22.12 6.21 -14.16
CA GLN B 147 23.04 7.26 -14.59
C GLN B 147 23.40 8.21 -13.44
N LEU B 148 24.66 8.60 -13.39
CA LEU B 148 25.10 9.56 -12.38
C LEU B 148 24.99 10.98 -12.95
N ILE B 149 24.45 11.90 -12.16
CA ILE B 149 24.37 13.29 -12.52
C ILE B 149 24.97 14.10 -11.36
N VAL B 150 25.85 15.05 -11.68
CA VAL B 150 26.59 15.79 -10.68
C VAL B 150 26.11 17.23 -10.54
N SER B 151 25.82 17.60 -9.30
CA SER B 151 25.38 18.92 -8.96
C SER B 151 26.53 19.61 -8.25
N GLN B 152 26.88 20.77 -8.77
CA GLN B 152 27.89 21.64 -8.16
C GLN B 152 27.17 22.69 -7.28
N PRO B 153 27.24 22.49 -5.94
CA PRO B 153 26.30 23.13 -5.02
C PRO B 153 26.66 24.56 -4.53
N LEU B 160 33.95 11.77 -16.46
CA LEU B 160 33.02 12.88 -16.49
C LEU B 160 31.56 12.60 -16.83
N ALA B 161 30.75 12.88 -15.83
CA ALA B 161 29.37 12.61 -15.82
C ALA B 161 28.72 13.92 -16.09
N PRO B 162 27.54 13.86 -16.68
CA PRO B 162 26.72 15.02 -16.95
C PRO B 162 26.53 15.90 -15.73
N LEU B 163 26.45 17.20 -15.93
CA LEU B 163 26.23 18.17 -14.89
C LEU B 163 24.79 18.61 -14.83
N PHE B 164 24.19 18.50 -13.65
CA PHE B 164 22.82 18.91 -13.35
C PHE B 164 22.48 20.25 -14.01
N GLU B 165 23.35 21.25 -13.79
CA GLU B 165 23.06 22.62 -14.26
C GLU B 165 23.03 22.73 -15.78
N GLU B 166 23.95 22.01 -16.39
CA GLU B 166 24.09 21.93 -17.84
C GLU B 166 22.92 21.26 -18.54
N LEU B 167 22.51 20.09 -18.04
CA LEU B 167 21.26 19.43 -18.48
C LEU B 167 20.05 20.35 -18.40
N ILE B 168 19.98 21.13 -17.33
CA ILE B 168 18.85 22.07 -17.15
C ILE B 168 18.95 23.28 -18.14
N ASP B 169 20.15 23.85 -18.28
CA ASP B 169 20.41 24.90 -19.28
C ASP B 169 20.00 24.47 -20.70
N ALA B 170 20.26 23.19 -21.03
CA ALA B 170 19.99 22.61 -22.35
C ALA B 170 18.52 22.33 -22.62
N ALA B 171 17.71 22.23 -21.56
CA ALA B 171 16.30 21.82 -21.72
C ALA B 171 15.37 23.03 -21.84
N ALA B 172 14.27 22.84 -22.54
CA ALA B 172 13.14 23.77 -22.48
C ALA B 172 12.26 23.38 -21.28
N PRO B 173 11.59 24.36 -20.63
CA PRO B 173 10.66 24.00 -19.53
C PRO B 173 9.58 23.05 -20.01
N ALA B 174 9.25 21.99 -19.25
CA ALA B 174 8.19 21.03 -19.64
C ALA B 174 6.84 21.75 -19.72
N ALA B 175 6.09 21.48 -20.80
CA ALA B 175 4.83 22.20 -21.10
C ALA B 175 3.69 21.86 -20.15
N LYS B 176 3.71 20.64 -19.63
CA LYS B 176 2.63 20.16 -18.78
C LYS B 176 3.16 19.20 -17.73
N ALA B 177 2.57 19.25 -16.53
CA ALA B 177 2.89 18.28 -15.47
C ALA B 177 2.39 16.88 -15.86
N ALA B 178 3.02 15.84 -15.29
CA ALA B 178 2.49 14.49 -15.43
C ALA B 178 1.08 14.47 -14.87
N ALA B 179 0.23 13.62 -15.45
CA ALA B 179 -1.19 13.54 -15.09
C ALA B 179 -1.47 12.76 -13.80
N THR B 180 -0.91 13.25 -12.72
CA THR B 180 -1.01 12.63 -11.41
C THR B 180 -2.29 13.07 -10.66
N GLY B 181 -2.68 12.30 -9.65
CA GLY B 181 -3.76 12.71 -8.79
C GLY B 181 -3.26 12.88 -7.37
N CYS B 182 -4.14 13.30 -6.46
CA CYS B 182 -3.80 13.47 -5.04
C CYS B 182 -3.17 12.20 -4.47
N ASP B 183 -3.69 11.04 -4.89
CA ASP B 183 -3.31 9.80 -4.23
C ASP B 183 -2.18 9.06 -4.93
N ASP B 184 -1.66 9.66 -5.99
CA ASP B 184 -0.51 9.09 -6.70
C ASP B 184 0.75 9.21 -5.88
N ILE B 185 1.60 8.19 -6.00
CA ILE B 185 2.93 8.17 -5.41
C ILE B 185 3.78 9.33 -5.98
N ALA B 186 4.33 10.14 -5.06
CA ALA B 186 5.08 11.35 -5.40
C ALA B 186 6.58 11.23 -5.14
N PHE B 187 6.94 10.69 -3.98
CA PHE B 187 8.38 10.59 -3.57
C PHE B 187 8.53 9.54 -2.44
N TRP B 188 9.78 9.25 -2.09
CA TRP B 188 10.09 8.43 -0.93
C TRP B 188 11.13 9.13 -0.04
N LEU B 189 11.10 8.70 1.21
CA LEU B 189 12.18 8.91 2.17
C LEU B 189 12.45 7.57 2.83
N TYR B 190 13.70 7.35 3.22
CA TYR B 190 14.07 6.13 3.94
C TYR B 190 13.89 6.27 5.44
N SER B 191 13.29 5.25 6.03
CA SER B 191 12.95 5.21 7.43
C SER B 191 13.82 4.13 8.07
N LYS B 197 17.60 -3.06 7.40
CA LYS B 197 17.82 -2.17 6.25
C LYS B 197 16.79 -1.03 6.32
N PRO B 198 17.17 0.17 5.83
CA PRO B 198 16.21 1.29 5.82
C PRO B 198 14.98 0.96 4.97
N LYS B 199 13.84 1.49 5.38
CA LYS B 199 12.58 1.17 4.71
C LYS B 199 12.16 2.33 3.81
N GLY B 200 11.93 2.03 2.54
CA GLY B 200 11.46 3.01 1.57
C GLY B 200 10.02 3.43 1.87
N THR B 201 9.86 4.60 2.49
CA THR B 201 8.54 5.08 2.94
C THR B 201 7.92 5.94 1.85
N VAL B 202 6.81 5.42 1.30
CA VAL B 202 6.20 5.92 0.04
C VAL B 202 5.12 6.98 0.30
N HIS B 203 5.32 8.18 -0.24
CA HIS B 203 4.38 9.29 0.01
C HIS B 203 3.70 9.74 -1.24
N THR B 204 2.49 10.28 -1.10
CA THR B 204 1.69 10.80 -2.21
C THR B 204 1.79 12.33 -2.37
N HIS B 205 1.22 12.87 -3.45
CA HIS B 205 1.13 14.34 -3.66
C HIS B 205 0.28 15.03 -2.56
N ALA B 206 -0.85 14.42 -2.20
CA ALA B 206 -1.74 14.89 -1.10
C ALA B 206 -1.03 14.99 0.26
N ASN B 207 -0.10 14.07 0.53
CA ASN B 207 0.53 14.07 1.87
C ASN B 207 1.29 15.36 2.13
N LEU B 208 1.99 15.86 1.10
CA LEU B 208 2.75 17.09 1.21
C LEU B 208 1.76 18.20 1.60
N TYR B 209 0.74 18.37 0.76
CA TYR B 209 -0.36 19.34 0.96
C TYR B 209 -0.93 19.28 2.40
N TRP B 210 -1.27 18.09 2.90
CA TRP B 210 -1.89 18.02 4.24
C TRP B 210 -0.98 18.50 5.39
N THR B 211 0.34 18.28 5.27
CA THR B 211 1.30 18.75 6.30
C THR B 211 1.32 20.28 6.36
N ALA B 212 1.25 20.94 5.20
CA ALA B 212 1.21 22.40 5.17
C ALA B 212 -0.14 22.93 5.77
N GLU B 213 -1.25 22.31 5.37
CA GLU B 213 -2.59 22.74 5.79
C GLU B 213 -2.91 22.47 7.26
N LEU B 214 -2.41 21.36 7.81
CA LEU B 214 -2.76 21.00 9.18
C LEU B 214 -1.77 21.52 10.20
N TYR B 215 -0.48 21.40 9.89
CA TYR B 215 0.55 21.79 10.82
C TYR B 215 1.11 23.19 10.53
N ALA B 216 1.58 23.42 9.31
CA ALA B 216 2.42 24.59 9.05
C ALA B 216 1.60 25.88 9.20
N LYS B 217 0.43 25.94 8.54
CA LYS B 217 -0.41 27.13 8.65
C LYS B 217 -1.09 27.34 10.02
N PRO B 218 -1.82 26.34 10.56
CA PRO B 218 -2.49 26.53 11.87
C PRO B 218 -1.61 26.53 13.15
N ILE B 219 -0.55 25.73 13.20
CA ILE B 219 0.21 25.51 14.42
C ILE B 219 1.48 26.34 14.43
N LEU B 220 2.31 26.11 13.44
CA LEU B 220 3.50 26.90 13.26
C LEU B 220 3.14 28.35 12.92
N GLY B 221 2.07 28.55 12.15
CA GLY B 221 1.63 29.88 11.69
C GLY B 221 2.53 30.54 10.66
N ILE B 222 3.13 29.74 9.79
CA ILE B 222 4.04 30.23 8.77
C ILE B 222 3.23 31.13 7.82
N ALA B 223 3.82 32.27 7.46
CA ALA B 223 3.14 33.26 6.66
C ALA B 223 3.96 33.66 5.44
N GLU B 224 3.29 34.24 4.45
CA GLU B 224 3.90 34.77 3.23
C GLU B 224 5.16 35.62 3.48
N ASN B 225 5.10 36.45 4.52
CA ASN B 225 6.17 37.39 4.74
C ASN B 225 7.34 36.81 5.55
N ASP B 226 7.21 35.58 6.03
CA ASP B 226 8.29 34.91 6.76
C ASP B 226 9.54 34.61 5.94
N VAL B 227 10.68 34.64 6.63
CA VAL B 227 11.94 34.12 6.12
C VAL B 227 12.35 33.02 7.09
N VAL B 228 12.56 31.80 6.58
CA VAL B 228 12.64 30.66 7.48
C VAL B 228 13.97 29.94 7.29
N PHE B 229 14.42 29.28 8.34
CA PHE B 229 15.72 28.57 8.29
C PHE B 229 15.62 27.27 9.07
N SER B 230 15.75 26.15 8.35
CA SER B 230 15.77 24.86 9.00
C SER B 230 17.21 24.35 9.14
N ALA B 231 17.66 24.11 10.36
CA ALA B 231 18.90 23.36 10.58
C ALA B 231 18.76 21.92 10.06
N ALA B 232 17.57 21.34 10.26
CA ALA B 232 17.23 20.04 9.68
C ALA B 232 17.25 20.07 8.14
N LYS B 233 17.98 19.11 7.59
CA LYS B 233 18.23 18.98 6.15
C LYS B 233 17.00 18.53 5.38
N LEU B 234 17.01 18.75 4.07
CA LEU B 234 15.83 18.47 3.29
C LEU B 234 15.57 16.96 3.09
N PHE B 235 16.58 16.13 3.34
CA PHE B 235 16.35 14.68 3.21
C PHE B 235 15.65 14.07 4.43
N PHE B 236 15.62 14.83 5.52
CA PHE B 236 14.92 14.48 6.75
C PHE B 236 13.48 15.00 6.53
N ALA B 237 12.52 14.12 6.69
CA ALA B 237 11.10 14.51 6.55
C ALA B 237 10.82 15.81 7.28
N TYR B 238 11.34 15.97 8.49
CA TYR B 238 11.20 17.24 9.24
C TYR B 238 11.69 18.47 8.43
N GLY B 239 12.95 18.43 7.99
CA GLY B 239 13.55 19.48 7.14
C GLY B 239 12.88 19.65 5.77
N LEU B 240 12.36 18.56 5.21
CA LEU B 240 11.65 18.64 3.90
C LEU B 240 10.43 19.58 4.02
N GLY B 241 9.63 19.41 5.08
CA GLY B 241 8.48 20.27 5.37
C GLY B 241 8.96 21.70 5.65
N ASN B 242 9.90 21.81 6.58
CA ASN B 242 10.38 23.11 7.09
C ASN B 242 10.91 24.04 6.01
N GLY B 243 11.69 23.44 5.12
CA GLY B 243 12.54 24.15 4.19
C GLY B 243 12.03 24.07 2.77
N LEU B 244 10.96 23.30 2.55
CA LEU B 244 10.38 23.26 1.21
C LEU B 244 8.86 23.33 1.22
N THR B 245 8.21 22.30 1.77
CA THR B 245 6.75 22.26 1.69
C THR B 245 6.10 23.54 2.27
N PHE B 246 6.56 23.91 3.45
CA PHE B 246 5.91 24.96 4.19
C PHE B 246 6.15 26.35 3.55
N PRO B 247 7.43 26.78 3.41
CA PRO B 247 7.62 28.13 2.88
C PRO B 247 7.00 28.30 1.49
N LEU B 248 7.22 27.31 0.60
CA LEU B 248 6.65 27.40 -0.77
C LEU B 248 5.10 27.40 -0.79
N SER B 249 4.47 26.70 0.14
CA SER B 249 3.02 26.67 0.22
C SER B 249 2.42 28.05 0.51
N VAL B 250 3.15 28.90 1.23
CA VAL B 250 2.65 30.26 1.58
C VAL B 250 3.33 31.42 0.82
N GLY B 251 4.36 31.11 0.07
CA GLY B 251 5.07 32.13 -0.67
C GLY B 251 6.14 32.82 0.14
N ALA B 252 6.58 32.13 1.20
CA ALA B 252 7.63 32.60 2.11
C ALA B 252 9.03 32.43 1.51
N THR B 253 10.07 32.73 2.28
CA THR B 253 11.43 32.61 1.82
C THR B 253 12.20 31.66 2.73
N ALA B 254 12.93 30.72 2.13
CA ALA B 254 13.74 29.75 2.88
C ALA B 254 15.27 29.91 2.71
N ILE B 255 15.98 29.82 3.83
CA ILE B 255 17.44 29.80 3.87
C ILE B 255 17.92 28.33 3.94
N LEU B 256 18.79 27.93 3.00
CA LEU B 256 19.46 26.64 3.04
C LEU B 256 20.95 26.75 3.36
N MET B 257 21.44 25.80 4.13
CA MET B 257 22.85 25.72 4.49
C MET B 257 23.47 24.36 4.15
N ALA B 258 24.53 24.34 3.38
CA ALA B 258 25.16 23.05 2.98
C ALA B 258 25.90 22.36 4.12
N GLU B 259 26.56 23.13 4.98
CA GLU B 259 27.50 22.56 5.96
C GLU B 259 26.83 21.93 7.15
N ARG B 260 27.59 21.15 7.92
CA ARG B 260 27.09 20.55 9.16
C ARG B 260 26.55 21.65 10.11
N PRO B 261 25.41 21.40 10.78
CA PRO B 261 24.79 22.40 11.66
C PRO B 261 25.40 22.57 13.05
N THR B 262 26.56 23.19 13.14
CA THR B 262 27.11 23.47 14.46
C THR B 262 26.44 24.75 14.96
N ALA B 263 26.64 25.07 16.25
CA ALA B 263 26.01 26.24 16.85
C ALA B 263 26.47 27.46 16.07
N ASP B 264 27.77 27.53 15.77
CA ASP B 264 28.31 28.70 15.05
C ASP B 264 27.75 28.85 13.63
N ALA B 265 27.69 27.74 12.88
CA ALA B 265 27.10 27.74 11.54
C ALA B 265 25.66 28.21 11.57
N ILE B 266 24.89 27.72 12.54
CA ILE B 266 23.50 28.15 12.73
C ILE B 266 23.38 29.66 13.03
N PHE B 267 24.20 30.14 13.97
CA PHE B 267 24.19 31.57 14.37
C PHE B 267 24.43 32.48 13.19
N ALA B 268 25.37 32.10 12.30
CA ALA B 268 25.67 32.92 11.10
C ALA B 268 24.39 33.21 10.27
N ARG B 269 23.57 32.17 10.05
CA ARG B 269 22.32 32.29 9.27
C ARG B 269 21.18 33.02 10.02
N LEU B 270 21.11 32.83 11.34
CA LEU B 270 20.16 33.55 12.19
C LEU B 270 20.43 35.06 12.15
N VAL B 271 21.71 35.40 12.12
CA VAL B 271 22.11 36.81 12.14
C VAL B 271 22.06 37.45 10.75
N GLU B 272 22.66 36.79 9.76
CA GLU B 272 22.90 37.44 8.47
C GLU B 272 21.59 37.83 7.78
N HIS B 273 20.65 36.88 7.69
CA HIS B 273 19.42 37.14 6.95
C HIS B 273 18.20 37.33 7.84
N ARG B 274 18.41 37.45 9.15
CA ARG B 274 17.34 37.68 10.15
C ARG B 274 16.02 36.88 9.92
N PRO B 275 16.14 35.52 9.83
CA PRO B 275 14.91 34.76 9.69
C PRO B 275 13.97 34.92 10.87
N THR B 276 12.67 34.94 10.57
CA THR B 276 11.58 34.97 11.58
C THR B 276 11.26 33.58 12.15
N VAL B 277 11.68 32.51 11.44
CA VAL B 277 11.27 31.14 11.81
C VAL B 277 12.54 30.28 11.80
N PHE B 278 12.82 29.61 12.91
CA PHE B 278 13.98 28.68 12.97
C PHE B 278 13.50 27.29 13.39
N TYR B 279 13.98 26.27 12.66
CA TYR B 279 13.63 24.92 13.04
C TYR B 279 14.86 24.14 13.50
N GLY B 280 14.75 23.58 14.69
CA GLY B 280 15.88 22.87 15.27
C GLY B 280 15.52 21.55 15.93
N VAL B 281 16.48 20.99 16.68
CA VAL B 281 16.27 19.76 17.46
C VAL B 281 16.97 19.99 18.81
N PRO B 282 16.57 19.28 19.87
CA PRO B 282 17.14 19.56 21.21
C PRO B 282 18.65 19.61 21.34
N THR B 283 19.41 18.70 20.69
CA THR B 283 20.89 18.76 20.83
C THR B 283 21.46 20.07 20.29
N LEU B 284 20.84 20.60 19.24
CA LEU B 284 21.27 21.89 18.69
C LEU B 284 20.97 23.06 19.63
N TYR B 285 19.75 23.10 20.17
CA TYR B 285 19.40 24.13 21.17
C TYR B 285 20.32 24.05 22.40
N ALA B 286 20.56 22.84 22.89
CA ALA B 286 21.48 22.64 24.05
C ALA B 286 22.83 23.28 23.83
N ASN B 287 23.45 22.99 22.66
CA ASN B 287 24.78 23.47 22.34
C ASN B 287 24.83 24.94 21.94
N MET B 288 23.74 25.43 21.37
CA MET B 288 23.60 26.86 21.10
C MET B 288 23.64 27.70 22.39
N LEU B 289 22.87 27.27 23.39
CA LEU B 289 22.68 28.04 24.60
C LEU B 289 23.95 28.21 25.43
N VAL B 290 24.85 27.24 25.35
CA VAL B 290 26.13 27.31 26.08
C VAL B 290 27.30 27.90 25.24
N SER B 291 27.02 28.31 24.00
CA SER B 291 28.06 28.88 23.14
C SER B 291 28.41 30.29 23.62
N PRO B 292 29.72 30.59 23.72
CA PRO B 292 30.13 31.99 23.98
C PRO B 292 29.71 32.94 22.82
N ASN B 293 29.36 32.37 21.67
CA ASN B 293 28.98 33.15 20.48
C ASN B 293 27.47 33.33 20.32
N LEU B 294 26.70 32.96 21.36
CA LEU B 294 25.24 33.05 21.34
C LEU B 294 24.83 34.49 21.01
N PRO B 295 24.08 34.70 19.89
CA PRO B 295 23.72 36.08 19.49
C PRO B 295 22.80 36.81 20.46
N ALA B 296 23.05 38.10 20.59
CA ALA B 296 22.12 38.93 21.33
C ALA B 296 20.76 38.94 20.62
N ARG B 297 19.70 39.16 21.38
CA ARG B 297 18.35 39.28 20.82
C ARG B 297 18.22 40.33 19.69
N ALA B 298 18.91 41.48 19.81
CA ALA B 298 18.90 42.57 18.81
C ALA B 298 19.43 42.13 17.44
N ASP B 299 20.24 41.08 17.44
CA ASP B 299 20.91 40.62 16.21
C ASP B 299 20.14 39.54 15.44
N VAL B 300 18.99 39.15 15.96
CA VAL B 300 18.14 38.19 15.27
C VAL B 300 16.67 38.68 15.25
N ALA B 301 15.82 38.00 14.50
CA ALA B 301 14.44 38.40 14.27
C ALA B 301 13.47 37.22 14.44
N ILE B 302 13.96 36.12 15.04
CA ILE B 302 13.12 34.94 15.26
C ILE B 302 11.85 35.24 16.10
N ARG B 303 10.68 34.92 15.53
CA ARG B 303 9.39 35.13 16.19
C ARG B 303 8.75 33.80 16.69
N ILE B 304 9.19 32.68 16.11
CA ILE B 304 8.67 31.35 16.44
C ILE B 304 9.74 30.32 16.04
N CYS B 305 9.86 29.27 16.86
CA CYS B 305 10.82 28.21 16.63
C CYS B 305 10.17 26.87 16.85
N THR B 306 10.77 25.84 16.24
CA THR B 306 10.25 24.50 16.47
C THR B 306 11.38 23.58 16.97
N SER B 307 10.97 22.51 17.63
CA SER B 307 11.87 21.44 17.98
C SER B 307 11.15 20.12 17.75
N ALA B 308 11.89 19.12 17.25
CA ALA B 308 11.37 17.73 17.07
C ALA B 308 12.52 16.72 17.10
N GLY B 309 12.23 15.42 16.99
CA GLY B 309 13.27 14.40 16.82
C GLY B 309 13.59 13.67 18.10
N GLU B 310 13.82 14.45 19.16
CA GLU B 310 13.97 14.00 20.54
C GLU B 310 13.14 15.00 21.33
N ALA B 311 12.77 14.68 22.58
CA ALA B 311 11.96 15.61 23.37
C ALA B 311 12.81 16.76 23.89
N LEU B 312 12.17 17.93 24.03
CA LEU B 312 12.86 19.17 24.44
C LEU B 312 12.84 19.36 25.96
N PRO B 313 14.02 19.35 26.61
CA PRO B 313 14.09 19.60 28.06
C PRO B 313 13.51 20.97 28.46
N ARG B 314 12.65 20.99 29.47
CA ARG B 314 12.02 22.23 29.91
C ARG B 314 12.98 23.42 30.03
N GLU B 315 14.15 23.20 30.62
CA GLU B 315 15.09 24.28 30.92
C GLU B 315 15.63 24.94 29.64
N ILE B 316 15.83 24.13 28.59
CA ILE B 316 16.29 24.63 27.29
C ILE B 316 15.22 25.54 26.68
N GLY B 317 13.96 25.11 26.76
CA GLY B 317 12.83 25.90 26.30
C GLY B 317 12.80 27.22 27.06
N GLU B 318 12.82 27.12 28.38
CA GLU B 318 12.76 28.34 29.24
C GLU B 318 13.90 29.33 28.96
N ARG B 319 15.14 28.83 28.96
CA ARG B 319 16.31 29.70 28.73
C ARG B 319 16.33 30.35 27.34
N PHE B 320 15.96 29.57 26.32
CA PHE B 320 15.92 30.08 24.95
C PHE B 320 14.91 31.23 24.83
N THR B 321 13.73 31.02 25.41
CA THR B 321 12.63 31.99 25.36
C THR B 321 12.95 33.25 26.22
N ALA B 322 13.59 33.05 27.37
CA ALA B 322 14.10 34.19 28.20
C ALA B 322 15.11 35.01 27.39
N HIS B 323 15.99 34.32 26.65
CA HIS B 323 17.04 35.02 25.90
C HIS B 323 16.55 35.71 24.62
N PHE B 324 15.73 34.99 23.84
CA PHE B 324 15.36 35.48 22.51
C PHE B 324 13.97 36.07 22.39
N GLY B 325 13.15 35.86 23.42
CA GLY B 325 11.78 36.32 23.45
C GLY B 325 10.83 35.62 22.51
N CYS B 326 11.21 34.46 21.96
CA CYS B 326 10.28 33.65 21.19
C CYS B 326 10.19 32.24 21.73
N GLU B 327 9.06 31.62 21.45
CA GLU B 327 8.76 30.28 21.98
C GLU B 327 9.32 29.24 21.02
N ILE B 328 9.70 28.08 21.58
CA ILE B 328 10.00 26.88 20.79
C ILE B 328 8.83 25.94 20.93
N LEU B 329 8.22 25.56 19.81
CA LEU B 329 7.10 24.60 19.83
C LEU B 329 7.66 23.19 19.69
N ASP B 330 7.63 22.43 20.78
CA ASP B 330 8.08 21.03 20.76
C ASP B 330 7.00 20.17 20.08
N GLY B 331 7.39 19.40 19.07
CA GLY B 331 6.42 18.61 18.33
C GLY B 331 7.00 17.25 17.96
N ILE B 332 6.14 16.27 17.76
CA ILE B 332 6.64 14.98 17.27
C ILE B 332 6.08 14.74 15.86
N GLY B 333 6.95 14.30 14.95
CA GLY B 333 6.53 13.85 13.61
C GLY B 333 7.21 12.51 13.36
N SER B 334 7.00 11.97 12.17
CA SER B 334 7.71 10.74 11.75
C SER B 334 7.83 10.72 10.24
N THR B 335 8.72 9.89 9.72
CA THR B 335 8.81 9.69 8.26
C THR B 335 7.46 9.18 7.75
N GLU B 336 6.88 8.22 8.50
CA GLU B 336 5.61 7.58 8.16
C GLU B 336 4.39 8.54 8.06
N MET B 337 4.35 9.56 8.93
CA MET B 337 3.30 10.59 8.93
C MET B 337 3.71 11.87 8.20
N LEU B 338 4.92 11.87 7.66
CA LEU B 338 5.54 12.95 6.87
C LEU B 338 5.86 14.29 7.58
N HIS B 339 5.24 14.53 8.73
CA HIS B 339 5.54 15.74 9.51
C HIS B 339 4.82 15.62 10.85
N ILE B 340 4.70 16.74 11.57
CA ILE B 340 4.25 16.82 12.94
C ILE B 340 2.73 16.69 13.12
N PHE B 341 2.37 15.77 14.00
CA PHE B 341 0.99 15.39 14.21
C PHE B 341 0.52 15.63 15.66
N LEU B 342 1.48 15.97 16.51
CA LEU B 342 1.24 16.26 17.93
C LEU B 342 2.22 17.38 18.31
N SER B 343 1.71 18.49 18.83
CA SER B 343 2.59 19.63 19.06
C SER B 343 2.04 20.58 20.10
N ASN B 344 2.95 21.23 20.82
CA ASN B 344 2.58 22.43 21.58
C ASN B 344 2.10 23.55 20.66
N ARG B 345 1.27 24.44 21.22
CA ARG B 345 0.69 25.52 20.46
C ARG B 345 1.21 26.84 21.07
N ALA B 346 1.41 27.83 20.20
CA ALA B 346 2.02 29.13 20.58
C ALA B 346 1.07 29.81 21.58
N GLY B 347 1.64 30.39 22.63
CA GLY B 347 0.81 30.99 23.69
C GLY B 347 0.20 30.00 24.65
N ALA B 348 0.49 28.69 24.46
CA ALA B 348 -0.06 27.60 25.27
C ALA B 348 0.97 26.50 25.52
N VAL B 349 2.23 26.89 25.43
CA VAL B 349 3.37 25.99 25.59
C VAL B 349 3.39 25.37 26.99
N GLU B 350 3.46 24.04 27.06
CA GLU B 350 3.73 23.32 28.31
C GLU B 350 5.12 22.68 28.18
N TYR B 351 6.20 23.40 28.55
CA TYR B 351 7.58 22.91 28.28
C TYR B 351 7.76 21.65 29.11
N GLY B 352 8.27 20.58 28.50
CA GLY B 352 8.29 19.25 29.11
C GLY B 352 7.36 18.24 28.44
N THR B 353 6.41 18.73 27.65
CA THR B 353 5.42 17.86 26.97
C THR B 353 5.48 18.13 25.47
N THR B 354 4.79 17.30 24.70
CA THR B 354 4.67 17.55 23.26
C THR B 354 3.26 18.03 22.88
N GLY B 355 2.56 18.57 23.88
CA GLY B 355 1.30 19.28 23.67
C GLY B 355 0.13 18.38 23.28
N ARG B 356 -0.64 18.82 22.30
CA ARG B 356 -1.91 18.16 21.96
C ARG B 356 -1.92 17.73 20.48
N PRO B 357 -2.80 16.79 20.12
CA PRO B 357 -2.91 16.46 18.70
C PRO B 357 -3.10 17.65 17.79
N VAL B 358 -2.40 17.67 16.68
CA VAL B 358 -2.62 18.68 15.66
C VAL B 358 -4.01 18.44 15.03
N PRO B 359 -4.83 19.50 14.90
CA PRO B 359 -6.16 19.25 14.31
C PRO B 359 -6.12 18.69 12.89
N GLY B 360 -6.91 17.65 12.68
CA GLY B 360 -6.88 16.92 11.43
C GLY B 360 -6.21 15.58 11.70
N TYR B 361 -5.50 15.46 12.83
CA TYR B 361 -4.87 14.21 13.28
C TYR B 361 -5.56 13.67 14.53
N GLU B 362 -5.68 12.35 14.62
CA GLU B 362 -6.17 11.72 15.84
C GLU B 362 -5.09 10.78 16.34
N ILE B 363 -4.94 10.69 17.65
CA ILE B 363 -3.98 9.76 18.24
C ILE B 363 -4.65 8.94 19.36
N GLU B 364 -4.26 7.68 19.46
CA GLU B 364 -4.76 6.78 20.50
C GLU B 364 -3.56 6.12 21.12
N LEU B 365 -3.62 5.95 22.44
CA LEU B 365 -2.67 5.07 23.16
C LEU B 365 -3.34 3.73 23.42
N ARG B 366 -2.62 2.65 23.07
CA ARG B 366 -3.12 1.31 23.30
C ARG B 366 -2.11 0.49 24.08
N ASP B 367 -2.58 -0.42 24.91
CA ASP B 367 -1.65 -1.34 25.57
C ASP B 367 -1.27 -2.47 24.60
N GLU B 368 -0.37 -3.36 25.05
CA GLU B 368 0.10 -4.49 24.24
C GLU B 368 -1.04 -5.32 23.65
N ALA B 369 -2.15 -5.41 24.38
CA ALA B 369 -3.32 -6.20 23.97
C ALA B 369 -4.33 -5.37 23.17
N GLY B 370 -4.05 -4.08 23.03
CA GLY B 370 -4.93 -3.20 22.27
C GLY B 370 -6.04 -2.56 23.06
N HIS B 371 -5.94 -2.62 24.40
CA HIS B 371 -6.94 -1.96 25.25
C HIS B 371 -6.56 -0.52 25.56
N ALA B 372 -7.55 0.31 25.88
CA ALA B 372 -7.32 1.71 26.21
C ALA B 372 -6.35 1.84 27.38
N VAL B 373 -5.61 2.94 27.40
CA VAL B 373 -4.62 3.19 28.44
C VAL B 373 -5.11 4.29 29.38
N PRO B 374 -5.10 4.01 30.71
CA PRO B 374 -5.54 5.06 31.64
C PRO B 374 -4.48 6.16 31.75
N ASP B 375 -4.92 7.42 31.79
CA ASP B 375 -4.03 8.57 31.96
C ASP B 375 -3.05 8.32 33.10
N GLY B 376 -1.78 8.64 32.87
CA GLY B 376 -0.72 8.42 33.85
C GLY B 376 0.05 7.14 33.58
N GLU B 377 -0.53 6.27 32.77
CA GLU B 377 0.19 5.07 32.29
C GLU B 377 0.78 5.25 30.89
N VAL B 378 1.83 4.49 30.58
CA VAL B 378 2.51 4.61 29.29
C VAL B 378 1.96 3.54 28.31
N GLY B 379 1.65 3.96 27.08
CA GLY B 379 1.12 3.04 26.06
C GLY B 379 1.78 3.21 24.70
N ASP B 380 1.31 2.44 23.72
CA ASP B 380 1.82 2.54 22.35
C ASP B 380 1.01 3.62 21.64
N LEU B 381 1.69 4.48 20.90
CA LEU B 381 1.05 5.53 20.11
C LEU B 381 0.61 5.02 18.72
N TYR B 382 -0.66 5.28 18.38
CA TYR B 382 -1.18 5.09 17.03
C TYR B 382 -1.71 6.41 16.47
N ILE B 383 -1.48 6.64 15.18
CA ILE B 383 -1.82 7.93 14.58
C ILE B 383 -2.75 7.73 13.41
N LYS B 384 -3.84 8.48 13.39
CA LYS B 384 -4.71 8.60 12.21
C LYS B 384 -4.63 10.03 11.61
N GLY B 385 -4.24 10.12 10.35
CA GLY B 385 -4.17 11.42 9.70
C GLY B 385 -3.93 11.27 8.21
N PRO B 386 -4.24 12.34 7.45
CA PRO B 386 -4.28 12.27 6.00
C PRO B 386 -2.91 12.41 5.27
N SER B 387 -1.82 12.49 6.02
CA SER B 387 -0.46 12.56 5.46
C SER B 387 0.29 11.23 5.60
N ALA B 388 -0.43 10.21 6.10
CA ALA B 388 0.14 8.87 6.28
C ALA B 388 0.71 8.34 4.96
N ALA B 389 1.92 7.76 5.04
CA ALA B 389 2.51 7.04 3.89
C ALA B 389 1.60 5.87 3.41
N VAL B 390 1.83 5.43 2.18
CA VAL B 390 1.05 4.37 1.51
C VAL B 390 1.50 2.97 1.98
N MET B 391 2.82 2.80 2.09
CA MET B 391 3.42 1.50 2.40
C MET B 391 4.91 1.71 2.57
N TYR B 392 5.60 0.63 2.95
CA TYR B 392 7.02 0.53 2.71
C TYR B 392 7.22 -0.25 1.44
N TRP B 393 8.04 0.28 0.53
CA TRP B 393 8.21 -0.31 -0.79
C TRP B 393 8.75 -1.74 -0.72
N ASN B 394 8.12 -2.66 -1.45
CA ASN B 394 8.66 -4.04 -1.55
C ASN B 394 8.98 -4.64 -0.16
N ASN B 395 8.04 -4.46 0.77
CA ASN B 395 8.19 -4.98 2.12
C ASN B 395 6.81 -5.24 2.70
N ARG B 396 6.24 -6.39 2.37
CA ARG B 396 4.87 -6.67 2.85
C ARG B 396 4.81 -6.79 4.39
N GLU B 397 5.80 -7.46 4.99
CA GLU B 397 5.78 -7.76 6.43
C GLU B 397 5.79 -6.51 7.32
N LYS B 398 6.73 -5.62 7.04
CA LYS B 398 6.81 -4.35 7.78
C LYS B 398 5.62 -3.43 7.42
N SER B 399 5.20 -3.43 6.16
CA SER B 399 4.01 -2.66 5.76
C SER B 399 2.78 -3.11 6.55
N ARG B 400 2.52 -4.43 6.58
CA ARG B 400 1.34 -4.97 7.30
C ARG B 400 1.38 -4.73 8.82
N ALA B 401 2.58 -4.61 9.37
CA ALA B 401 2.81 -4.34 10.79
C ALA B 401 2.64 -2.86 11.18
N THR B 402 2.65 -1.96 10.20
CA THR B 402 2.76 -0.52 10.51
C THR B 402 1.52 0.20 10.00
N PHE B 403 1.12 -0.12 8.79
CA PHE B 403 0.06 0.65 8.16
C PHE B 403 -1.22 -0.12 8.37
N LEU B 404 -1.96 0.25 9.43
CA LEU B 404 -3.11 -0.55 9.84
C LEU B 404 -4.39 0.07 9.37
N GLY B 405 -4.49 0.34 8.06
CA GLY B 405 -5.70 0.95 7.52
C GLY B 405 -5.64 2.44 7.75
N GLU B 406 -6.61 2.95 8.53
CA GLU B 406 -6.67 4.38 8.92
C GLU B 406 -5.60 4.76 9.93
N TRP B 407 -5.12 3.78 10.69
CA TRP B 407 -4.16 3.98 11.80
C TRP B 407 -2.74 3.52 11.47
N ILE B 408 -1.75 4.30 11.90
CA ILE B 408 -0.35 3.92 11.79
C ILE B 408 0.16 3.52 13.17
N ARG B 409 0.82 2.35 13.26
CA ARG B 409 1.56 1.98 14.47
C ARG B 409 2.90 2.75 14.52
N SER B 410 3.03 3.66 15.48
CA SER B 410 4.17 4.57 15.49
C SER B 410 5.51 4.01 16.00
N GLY B 411 5.53 3.01 16.87
CA GLY B 411 6.78 2.66 17.56
C GLY B 411 7.21 3.56 18.72
N ASP B 412 6.40 4.55 19.07
CA ASP B 412 6.70 5.46 20.18
C ASP B 412 5.88 5.06 21.39
N LYS B 413 6.40 5.37 22.59
CA LYS B 413 5.68 5.20 23.84
C LYS B 413 5.30 6.56 24.42
N TYR B 414 4.08 6.65 24.98
CA TYR B 414 3.46 7.94 25.34
C TYR B 414 2.58 7.83 26.59
N CYS B 415 2.48 8.93 27.34
CA CYS B 415 1.63 9.01 28.51
C CYS B 415 0.79 10.26 28.31
N ARG B 416 -0.39 10.29 28.92
CA ARG B 416 -1.22 11.47 28.85
C ARG B 416 -1.50 12.01 30.24
N LEU B 417 -1.21 13.31 30.41
CA LEU B 417 -1.40 14.01 31.68
C LEU B 417 -2.88 14.36 31.95
N PRO B 418 -3.24 14.57 33.24
CA PRO B 418 -4.55 15.08 33.63
C PRO B 418 -5.07 16.21 32.73
N ASN B 419 -4.23 17.20 32.43
CA ASN B 419 -4.61 18.35 31.59
C ASN B 419 -4.81 18.05 30.09
N GLY B 420 -4.52 16.81 29.68
CA GLY B 420 -4.70 16.40 28.29
C GLY B 420 -3.43 16.45 27.46
N CYS B 421 -2.35 16.97 28.05
CA CYS B 421 -1.05 17.06 27.39
C CYS B 421 -0.31 15.70 27.34
N TYR B 422 0.33 15.43 26.20
CA TYR B 422 1.06 14.18 25.92
C TYR B 422 2.55 14.27 26.27
N VAL B 423 3.05 13.21 26.90
CA VAL B 423 4.42 13.18 27.40
C VAL B 423 5.12 11.94 26.80
N TYR B 424 6.21 12.21 26.11
CA TYR B 424 6.99 11.20 25.42
C TYR B 424 7.78 10.33 26.40
N ALA B 425 7.68 9.00 26.22
CA ALA B 425 8.40 8.06 27.10
C ALA B 425 9.65 7.51 26.42
N GLY B 426 9.68 7.61 25.09
CA GLY B 426 10.81 7.11 24.32
C GLY B 426 10.30 6.19 23.24
N ARG B 427 11.24 5.66 22.46
CA ARG B 427 10.92 4.63 21.47
C ARG B 427 10.70 3.29 22.18
N SER B 428 9.82 2.46 21.60
CA SER B 428 9.51 1.15 22.15
C SER B 428 10.81 0.38 22.39
N ASP B 429 11.71 0.39 21.42
CA ASP B 429 12.99 -0.34 21.51
C ASP B 429 13.94 0.18 22.59
N ASP B 430 13.72 1.39 23.09
CA ASP B 430 14.62 2.00 24.08
C ASP B 430 14.10 1.92 25.52
N MET B 431 12.93 1.30 25.69
CA MET B 431 12.33 1.14 27.01
C MET B 431 13.19 0.24 27.85
N LEU B 432 13.28 0.58 29.13
CA LEU B 432 14.05 -0.22 30.10
C LEU B 432 13.11 -1.10 30.94
N LYS B 433 13.61 -2.25 31.38
CA LYS B 433 12.85 -3.14 32.27
C LYS B 433 13.71 -3.68 33.41
N TYR B 438 8.43 -1.55 33.42
CA TYR B 438 9.07 -0.80 32.36
C TYR B 438 9.40 0.62 32.78
N VAL B 439 10.56 1.09 32.35
CA VAL B 439 11.04 2.43 32.71
C VAL B 439 11.37 3.19 31.44
N SER B 440 10.86 4.42 31.38
CA SER B 440 11.10 5.37 30.30
C SER B 440 12.53 5.93 30.34
N PRO B 441 13.33 5.70 29.28
CA PRO B 441 14.70 6.26 29.23
C PRO B 441 14.59 7.79 29.23
N VAL B 442 13.56 8.31 28.56
CA VAL B 442 13.35 9.75 28.45
C VAL B 442 13.01 10.43 29.79
N GLU B 443 12.17 9.79 30.61
CA GLU B 443 11.84 10.32 31.95
C GLU B 443 13.14 10.49 32.79
N VAL B 444 14.03 9.49 32.76
CA VAL B 444 15.32 9.58 33.48
C VAL B 444 16.28 10.66 32.89
N GLU B 445 16.37 10.70 31.57
CA GLU B 445 17.17 11.70 30.85
C GLU B 445 16.74 13.12 31.20
N MET B 446 15.43 13.37 31.18
CA MET B 446 14.89 14.70 31.52
C MET B 446 15.23 15.15 32.95
N VAL B 447 15.32 14.20 33.88
CA VAL B 447 15.75 14.50 35.25
C VAL B 447 17.24 14.78 35.36
N LEU B 448 18.06 13.89 34.80
CA LEU B 448 19.50 14.08 34.69
C LEU B 448 19.91 15.46 34.17
N VAL B 449 19.30 15.88 33.07
CA VAL B 449 19.69 17.15 32.43
C VAL B 449 19.32 18.39 33.27
N GLN B 450 18.42 18.24 34.24
CA GLN B 450 18.09 19.35 35.16
C GLN B 450 19.24 19.68 36.14
N HIS B 451 20.18 18.76 36.33
CA HIS B 451 21.35 19.02 37.17
C HIS B 451 22.26 20.02 36.46
N ASP B 452 22.81 20.99 37.20
CA ASP B 452 23.62 22.08 36.61
C ASP B 452 24.88 21.63 35.85
N ALA B 453 25.46 20.49 36.23
CA ALA B 453 26.65 19.97 35.54
C ALA B 453 26.39 19.39 34.14
N VAL B 454 25.15 18.94 33.90
CA VAL B 454 24.81 18.10 32.73
C VAL B 454 24.31 18.98 31.57
N LEU B 455 24.96 18.83 30.42
CA LEU B 455 24.54 19.47 29.17
C LEU B 455 23.58 18.54 28.41
N GLU B 456 23.96 17.27 28.26
CA GLU B 456 23.10 16.28 27.60
C GLU B 456 23.25 14.93 28.29
N ALA B 457 22.27 14.04 28.11
CA ALA B 457 22.29 12.72 28.74
C ALA B 457 21.49 11.71 27.93
N ALA B 458 21.99 10.48 27.88
CA ALA B 458 21.24 9.34 27.35
C ALA B 458 21.22 8.21 28.38
N VAL B 459 20.07 7.55 28.52
CA VAL B 459 19.90 6.46 29.46
C VAL B 459 19.49 5.18 28.74
N VAL B 460 20.31 4.15 28.90
CA VAL B 460 20.08 2.86 28.23
C VAL B 460 20.26 1.70 29.18
N GLY B 461 19.83 0.51 28.72
CA GLY B 461 19.98 -0.73 29.46
C GLY B 461 21.08 -1.53 28.80
N VAL B 462 22.11 -1.87 29.59
CA VAL B 462 23.28 -2.57 29.05
C VAL B 462 23.38 -3.94 29.72
N ASP B 463 23.57 -4.99 28.91
CA ASP B 463 23.72 -6.34 29.45
C ASP B 463 25.18 -6.60 29.80
N HIS B 464 25.41 -7.08 31.03
CA HIS B 464 26.72 -7.41 31.57
C HIS B 464 26.61 -8.71 32.38
N GLY B 465 27.11 -9.82 31.84
CA GLY B 465 27.09 -11.11 32.56
C GLY B 465 25.70 -11.70 32.74
N GLY B 466 24.83 -11.48 31.75
CA GLY B 466 23.42 -11.92 31.81
C GLY B 466 22.46 -10.99 32.55
N LEU B 467 22.98 -9.85 33.01
CA LEU B 467 22.19 -8.91 33.79
C LEU B 467 22.08 -7.54 33.10
N VAL B 468 20.86 -7.10 32.83
CA VAL B 468 20.65 -5.75 32.27
C VAL B 468 20.59 -4.70 33.37
N LYS B 469 21.47 -3.72 33.27
CA LYS B 469 21.53 -2.61 34.23
C LYS B 469 21.36 -1.27 33.51
N THR B 470 20.71 -0.34 34.17
CA THR B 470 20.51 1.00 33.63
C THR B 470 21.83 1.79 33.75
N ARG B 471 22.26 2.37 32.62
CA ARG B 471 23.46 3.18 32.55
C ARG B 471 23.14 4.54 31.91
N ALA B 472 23.55 5.61 32.58
CA ALA B 472 23.43 6.96 32.02
C ALA B 472 24.76 7.43 31.41
N PHE B 473 24.73 7.85 30.14
CA PHE B 473 25.87 8.48 29.47
C PHE B 473 25.71 9.99 29.51
N VAL B 474 26.68 10.67 30.13
CA VAL B 474 26.53 12.10 30.44
C VAL B 474 27.57 12.96 29.74
N VAL B 475 27.08 14.00 29.04
CA VAL B 475 27.97 15.03 28.46
C VAL B 475 27.94 16.18 29.44
N LEU B 476 29.10 16.51 29.99
CA LEU B 476 29.16 17.55 31.00
C LEU B 476 29.33 18.94 30.36
N LYS B 477 28.82 19.96 31.04
CA LYS B 477 29.14 21.34 30.68
C LYS B 477 30.64 21.59 30.92
N ARG B 478 31.20 22.53 30.15
CA ARG B 478 32.65 22.77 30.14
C ARG B 478 33.23 23.07 31.52
N GLU B 479 32.43 23.69 32.38
CA GLU B 479 32.89 24.10 33.71
C GLU B 479 33.10 22.93 34.67
N PHE B 480 32.71 21.71 34.28
CA PHE B 480 32.67 20.58 35.22
C PHE B 480 33.57 19.44 34.79
N ALA B 481 34.26 18.84 35.77
CA ALA B 481 35.19 17.77 35.48
C ALA B 481 34.54 16.43 35.84
N PRO B 482 34.82 15.39 35.06
CA PRO B 482 34.28 14.07 35.41
C PRO B 482 34.99 13.55 36.68
N SER B 483 34.30 12.78 37.51
CA SER B 483 34.86 12.25 38.77
C SER B 483 33.86 11.25 39.34
N GLU B 484 34.31 10.38 40.23
CA GLU B 484 33.42 9.43 40.90
C GLU B 484 32.49 10.13 41.90
N ILE B 485 32.94 11.23 42.47
CA ILE B 485 32.09 11.99 43.38
C ILE B 485 30.90 12.63 42.61
N LEU B 486 31.21 13.22 41.47
CA LEU B 486 30.15 13.81 40.62
C LEU B 486 29.22 12.72 40.10
N ALA B 487 29.77 11.59 39.65
CA ALA B 487 28.95 10.41 39.27
C ALA B 487 27.92 10.06 40.35
N GLU B 488 28.39 9.96 41.59
CA GLU B 488 27.57 9.68 42.75
C GLU B 488 26.56 10.80 43.01
N GLU B 489 26.98 12.07 42.88
CA GLU B 489 26.05 13.20 43.05
C GLU B 489 24.90 13.10 42.02
N LEU B 490 25.23 12.75 40.78
CA LEU B 490 24.21 12.59 39.73
C LEU B 490 23.22 11.46 39.98
N LYS B 491 23.73 10.30 40.43
CA LYS B 491 22.88 9.16 40.83
C LYS B 491 21.90 9.54 41.95
N ALA B 492 22.43 10.09 43.05
CA ALA B 492 21.65 10.64 44.14
C ALA B 492 20.63 11.71 43.69
N PHE B 493 21.03 12.57 42.74
CA PHE B 493 20.11 13.60 42.17
C PHE B 493 18.86 12.95 41.56
N VAL B 494 19.06 11.91 40.75
CA VAL B 494 17.95 11.17 40.14
C VAL B 494 17.11 10.44 41.21
N LYS B 495 17.78 9.75 42.14
CA LYS B 495 17.14 8.96 43.20
C LYS B 495 16.19 9.79 44.09
N ASP B 496 16.56 11.05 44.32
CA ASP B 496 15.75 12.01 45.06
C ASP B 496 14.48 12.43 44.29
N ARG B 497 14.45 12.21 42.98
CA ARG B 497 13.39 12.80 42.12
C ARG B 497 12.45 11.82 41.42
N LEU B 498 12.76 10.52 41.48
CA LEU B 498 11.87 9.49 40.93
C LEU B 498 11.94 8.16 41.67
N ALA B 499 10.98 7.28 41.39
CA ALA B 499 10.89 5.96 42.03
C ALA B 499 12.21 5.17 41.96
N PRO B 500 12.54 4.42 43.05
CA PRO B 500 13.85 3.74 43.28
C PRO B 500 14.30 2.79 42.16
N HIS B 501 13.34 2.20 41.45
CA HIS B 501 13.64 1.33 40.30
C HIS B 501 14.12 2.05 39.02
N LYS B 502 14.12 3.38 39.02
CA LYS B 502 14.38 4.18 37.81
C LYS B 502 15.79 4.81 37.68
N TYR B 503 16.48 5.03 38.80
CA TYR B 503 17.75 5.75 38.74
C TYR B 503 18.87 4.91 38.03
N PRO B 504 19.84 5.57 37.38
CA PRO B 504 20.87 4.78 36.72
C PRO B 504 21.90 4.17 37.70
N ARG B 505 22.28 2.89 37.49
CA ARG B 505 23.23 2.23 38.39
C ARG B 505 24.68 2.60 38.04
N ASP B 506 24.90 3.04 36.81
CA ASP B 506 26.18 3.45 36.25
C ASP B 506 26.04 4.85 35.66
N ILE B 507 27.09 5.67 35.82
CA ILE B 507 27.22 6.93 35.06
C ILE B 507 28.54 6.85 34.27
N VAL B 508 28.46 7.04 32.95
CA VAL B 508 29.68 7.16 32.15
C VAL B 508 29.76 8.59 31.63
N PHE B 509 30.91 9.25 31.81
CA PHE B 509 31.10 10.57 31.24
C PHE B 509 31.70 10.49 29.85
N VAL B 510 31.07 11.20 28.92
CA VAL B 510 31.47 11.19 27.50
C VAL B 510 31.58 12.63 26.94
N ASP B 511 32.37 12.81 25.89
CA ASP B 511 32.51 14.15 25.30
C ASP B 511 31.34 14.50 24.36
N ASP B 512 30.60 13.47 23.97
CA ASP B 512 29.51 13.60 22.98
C ASP B 512 28.71 12.32 22.99
N LEU B 513 27.43 12.43 22.63
CA LEU B 513 26.56 11.29 22.48
C LEU B 513 26.58 10.91 21.02
N PRO B 514 26.41 9.63 20.70
CA PRO B 514 26.37 9.27 19.27
C PRO B 514 25.00 9.65 18.70
N LYS B 515 24.99 10.31 17.54
CA LYS B 515 23.76 10.83 16.95
C LYS B 515 23.68 10.55 15.46
N THR B 516 22.45 10.35 14.97
CA THR B 516 22.17 10.31 13.53
C THR B 516 22.55 11.68 12.93
N ALA B 517 22.72 11.76 11.61
CA ALA B 517 22.89 13.07 10.91
C ALA B 517 21.79 14.03 11.33
N THR B 518 20.58 13.48 11.61
CA THR B 518 19.38 14.23 11.95
C THR B 518 19.29 14.80 13.38
N GLY B 519 20.22 14.40 14.26
CA GLY B 519 20.31 14.92 15.62
C GLY B 519 19.55 14.07 16.64
N LYS B 520 19.19 12.85 16.24
CA LYS B 520 18.59 11.86 17.12
C LYS B 520 19.72 11.04 17.80
N ILE B 521 19.61 10.86 19.11
CA ILE B 521 20.60 10.04 19.83
C ILE B 521 20.45 8.57 19.49
N GLN B 522 21.56 7.94 19.09
CA GLN B 522 21.57 6.52 18.74
C GLN B 522 21.81 5.71 20.00
N ARG B 523 20.73 5.55 20.77
CA ARG B 523 20.78 4.77 22.00
C ARG B 523 21.23 3.32 21.76
N PHE B 524 20.92 2.76 20.59
CA PHE B 524 21.40 1.40 20.23
C PHE B 524 22.93 1.26 20.26
N LYS B 525 23.62 2.30 19.80
CA LYS B 525 25.10 2.38 19.86
C LYS B 525 25.64 2.35 21.30
N LEU B 526 24.90 2.95 22.22
CA LEU B 526 25.28 2.97 23.62
C LEU B 526 25.02 1.64 24.33
N ARG B 527 24.07 0.86 23.81
CA ARG B 527 23.79 -0.49 24.33
C ARG B 527 24.85 -1.49 23.86
N GLU B 528 25.59 -1.11 22.81
CA GLU B 528 26.43 -2.03 22.05
C GLU B 528 27.93 -1.65 22.06
#